data_8VIH
#
_entry.id   8VIH
#
_cell.length_a   62.197
_cell.length_b   94.511
_cell.length_c   83.747
_cell.angle_alpha   90.000
_cell.angle_beta   100.160
_cell.angle_gamma   90.000
#
_symmetry.space_group_name_H-M   'P 1 21 1'
#
loop_
_entity.id
_entity.type
_entity.pdbx_description
1 polymer 'Sulfoxide synthase EgtB-IV'
2 non-polymer 'CHLORIDE ION'
3 non-polymer 'SODIUM ION'
4 non-polymer 'FE (III) ION'
5 non-polymer N,N,N-trimethyl-histidine
6 non-polymer 1,2-ETHANEDIOL
7 water water
#
_entity_poly.entity_id   1
_entity_poly.type   'polypeptide(L)'
_entity_poly.pdbx_seq_one_letter_code
;MGSSHHHHHHSSGLVPRGSHMSFIKSQLPIFLNNCTQDSVINYFQNSWELENILMRSIIDDETFYINPDPLRNPLIFYLG
HSAAFYINKLIRVELLEKGINSDYEILFEFGVDPENAEELNQAIAHINWPDVRQVWDYRNKAYEVILEVIKNTTFDLPIH
ASHPLWALMMGMEHQRIHFETSSMLLRQLPTEKVEKPQGWQYAPSQGVPNTNKMILVEGGTVTLGKAKDNPLYGWDCEYG
DRLVKVDSFFASQYLVTNGEFLEFINRKGYETQSYWNEKSWQWKEENKVKNPKFWQFNNGKYSYRAMFDEIPLPLDWPVE
VNYYEAMAYCGWKGKGTRLMSEAEWNLAAYGSNDNYQVDIEKVNDYNLNLKFGSPSPVGLVKTAQSHSGLWDLRGNVWEW
LDENFHPLPGFEPHFLYEDNSAPFFDNNHKMMLGGAWVTQGTETLKYYRNWFRPNFYQHAGFRIVTNH
;
_entity_poly.pdbx_strand_id   A,B
#
# COMPACT_ATOMS: atom_id res chain seq x y z
N SER A 19 15.79 39.24 9.94
CA SER A 19 14.51 38.89 9.30
C SER A 19 14.39 37.37 9.38
N HIS A 20 15.28 36.65 8.70
CA HIS A 20 15.28 35.18 8.81
C HIS A 20 16.73 34.67 8.78
N MET A 21 16.92 33.37 8.96
CA MET A 21 18.29 32.79 8.97
C MET A 21 18.98 33.15 7.65
N SER A 22 20.22 33.62 7.73
CA SER A 22 20.93 34.07 6.51
C SER A 22 22.38 33.57 6.53
N PHE A 23 22.94 33.38 7.72
CA PHE A 23 24.37 33.14 7.75
C PHE A 23 24.74 31.72 7.33
N ILE A 24 23.83 30.76 7.52
CA ILE A 24 24.01 29.39 7.07
C ILE A 24 23.10 29.27 5.86
N LYS A 25 23.68 29.03 4.70
CA LYS A 25 22.93 29.18 3.45
C LYS A 25 22.96 27.86 2.68
N SER A 26 21.79 27.43 2.18
CA SER A 26 21.66 26.19 1.40
C SER A 26 21.32 26.54 -0.04
N GLN A 27 22.10 26.00 -0.97
CA GLN A 27 21.90 26.26 -2.39
CA GLN A 27 21.88 26.28 -2.38
C GLN A 27 20.63 25.56 -2.87
N LEU A 28 19.86 26.25 -3.73
CA LEU A 28 18.65 25.65 -4.32
C LEU A 28 19.05 24.50 -5.28
N PRO A 29 18.18 23.51 -5.48
CA PRO A 29 18.49 22.45 -6.46
C PRO A 29 18.49 23.03 -7.88
N ILE A 30 18.99 22.19 -8.80
CA ILE A 30 19.28 22.60 -10.18
C ILE A 30 18.56 21.64 -11.14
N PHE A 31 17.94 22.19 -12.21
CA PHE A 31 17.35 21.33 -13.24
C PHE A 31 18.46 20.52 -13.91
N LEU A 32 18.13 19.28 -14.29
CA LEU A 32 19.08 18.37 -14.94
C LEU A 32 19.58 18.94 -16.27
N ASN A 33 18.84 19.89 -16.88
CA ASN A 33 19.29 20.53 -18.13
C ASN A 33 20.24 21.69 -17.87
N ASN A 34 20.47 22.03 -16.60
CA ASN A 34 21.38 23.09 -16.17
C ASN A 34 22.48 22.57 -15.26
N CYS A 35 22.62 21.25 -15.14
CA CYS A 35 23.62 20.64 -14.24
C CYS A 35 25.02 20.68 -14.88
N THR A 36 25.53 21.89 -15.07
CA THR A 36 26.91 22.07 -15.52
C THR A 36 27.91 21.64 -14.45
N GLN A 37 29.12 21.30 -14.89
CA GLN A 37 30.18 20.93 -13.96
C GLN A 37 30.35 22.00 -12.88
N ASP A 38 30.39 23.28 -13.25
CA ASP A 38 30.60 24.33 -12.25
C ASP A 38 29.43 24.41 -11.25
N SER A 39 28.20 24.41 -11.74
CA SER A 39 27.05 24.48 -10.81
C SER A 39 27.00 23.26 -9.90
N VAL A 40 27.35 22.09 -10.44
CA VAL A 40 27.29 20.87 -9.61
C VAL A 40 28.41 20.84 -8.57
N ILE A 41 29.62 21.33 -8.93
CA ILE A 41 30.67 21.49 -7.93
C ILE A 41 30.17 22.33 -6.76
N ASN A 42 29.52 23.45 -7.05
CA ASN A 42 29.03 24.32 -5.97
C ASN A 42 27.97 23.60 -5.13
N TYR A 43 27.03 22.92 -5.80
CA TYR A 43 25.96 22.24 -5.09
C TYR A 43 26.47 21.07 -4.24
N PHE A 44 27.47 20.34 -4.75
CA PHE A 44 28.12 19.26 -4.00
C PHE A 44 28.85 19.80 -2.77
N GLN A 45 29.68 20.84 -2.98
CA GLN A 45 30.41 21.44 -1.86
C GLN A 45 29.44 21.93 -0.79
N ASN A 46 28.32 22.53 -1.20
CA ASN A 46 27.32 23.02 -0.24
C ASN A 46 26.64 21.88 0.51
N SER A 47 26.24 20.82 -0.21
CA SER A 47 25.64 19.63 0.45
C SER A 47 26.53 19.15 1.57
N TRP A 48 27.82 19.03 1.26
CA TRP A 48 28.77 18.42 2.18
C TRP A 48 29.13 19.38 3.33
N GLU A 49 29.35 20.67 3.01
CA GLU A 49 29.67 21.62 4.08
C GLU A 49 28.53 21.73 5.10
N LEU A 50 27.28 21.73 4.63
CA LEU A 50 26.16 21.75 5.56
C LEU A 50 26.18 20.55 6.51
N GLU A 51 26.43 19.35 5.99
CA GLU A 51 26.42 18.19 6.87
C GLU A 51 27.60 18.26 7.82
N ASN A 52 28.74 18.76 7.35
CA ASN A 52 29.89 19.00 8.26
C ASN A 52 29.53 19.96 9.39
N ILE A 53 28.82 21.06 9.08
CA ILE A 53 28.46 22.02 10.14
C ILE A 53 27.60 21.31 11.19
N LEU A 54 26.65 20.50 10.74
CA LEU A 54 25.79 19.79 11.68
C LEU A 54 26.59 18.81 12.54
N MET A 55 27.41 17.95 11.90
CA MET A 55 28.22 16.97 12.65
C MET A 55 29.20 17.64 13.63
N ARG A 56 29.72 18.82 13.25
CA ARG A 56 30.67 19.53 14.13
C ARG A 56 29.99 20.13 15.36
N SER A 57 28.66 20.12 15.43
CA SER A 57 27.97 20.67 16.59
CA SER A 57 27.95 20.67 16.59
C SER A 57 28.01 19.74 17.79
N ILE A 58 28.38 18.48 17.59
CA ILE A 58 28.59 17.55 18.72
C ILE A 58 29.93 17.86 19.41
N ILE A 59 29.89 18.13 20.72
CA ILE A 59 31.07 18.70 21.39
C ILE A 59 32.14 17.64 21.63
N ASP A 60 31.75 16.50 22.15
CA ASP A 60 32.69 15.50 22.61
C ASP A 60 32.59 14.26 21.72
N ASP A 61 33.74 13.74 21.31
CA ASP A 61 33.72 12.59 20.41
C ASP A 61 33.01 11.37 21.00
N GLU A 62 33.02 11.18 22.32
CA GLU A 62 32.31 10.02 22.88
C GLU A 62 30.79 10.07 22.63
N THR A 63 30.24 11.26 22.38
CA THR A 63 28.80 11.34 22.11
C THR A 63 28.43 10.64 20.82
N PHE A 64 29.38 10.42 19.92
CA PHE A 64 29.04 9.74 18.67
C PHE A 64 28.64 8.28 18.89
N TYR A 65 28.95 7.69 20.06
CA TYR A 65 28.58 6.30 20.31
C TYR A 65 27.20 6.17 20.94
N ILE A 66 26.53 7.30 21.23
CA ILE A 66 25.15 7.33 21.66
C ILE A 66 24.24 7.20 20.44
N ASN A 67 23.14 6.42 20.58
CA ASN A 67 22.07 6.43 19.58
C ASN A 67 20.91 7.16 20.25
N PRO A 68 20.81 8.50 20.09
CA PRO A 68 19.85 9.25 20.90
C PRO A 68 18.40 8.91 20.60
N ASP A 69 18.07 8.54 19.34
CA ASP A 69 16.78 7.98 18.99
C ASP A 69 16.86 6.47 19.15
N PRO A 70 16.05 5.83 19.98
CA PRO A 70 16.27 4.39 20.20
C PRO A 70 15.89 3.53 19.01
N LEU A 71 15.29 4.10 17.96
CA LEU A 71 14.99 3.34 16.76
C LEU A 71 15.97 3.61 15.64
N ARG A 72 17.09 4.32 15.90
CA ARG A 72 18.09 4.56 14.86
C ARG A 72 19.48 4.23 15.40
N ASN A 73 20.42 4.10 14.46
CA ASN A 73 21.82 3.77 14.73
C ASN A 73 22.53 4.84 15.57
N PRO A 74 23.71 4.49 16.12
CA PRO A 74 24.55 5.48 16.83
C PRO A 74 25.00 6.57 15.86
N LEU A 75 25.30 7.75 16.40
CA LEU A 75 25.66 8.89 15.55
C LEU A 75 26.91 8.63 14.72
N ILE A 76 27.88 7.83 15.22
CA ILE A 76 29.09 7.49 14.45
C ILE A 76 28.71 6.91 13.08
N PHE A 77 27.62 6.15 13.02
CA PHE A 77 27.20 5.57 11.74
C PHE A 77 26.80 6.67 10.78
N TYR A 78 26.03 7.66 11.28
CA TYR A 78 25.60 8.74 10.41
C TYR A 78 26.75 9.68 10.04
N LEU A 79 27.84 9.72 10.81
CA LEU A 79 29.00 10.47 10.35
C LEU A 79 29.64 9.82 9.11
N GLY A 80 29.63 8.48 9.03
CA GLY A 80 30.26 7.88 7.87
C GLY A 80 29.32 7.57 6.70
N HIS A 81 28.02 7.41 7.00
CA HIS A 81 27.03 6.91 6.03
C HIS A 81 26.89 7.74 4.77
N SER A 82 26.79 9.09 4.87
CA SER A 82 26.57 9.82 3.62
C SER A 82 27.77 9.71 2.71
N ALA A 83 28.96 9.68 3.30
CA ALA A 83 30.18 9.55 2.49
C ALA A 83 30.28 8.16 1.83
N ALA A 84 30.02 7.10 2.59
CA ALA A 84 30.06 5.76 2.00
C ALA A 84 29.02 5.58 0.90
N PHE A 85 27.85 6.20 1.05
CA PHE A 85 26.81 6.08 0.03
C PHE A 85 27.28 6.65 -1.30
N TYR A 86 27.90 7.86 -1.31
CA TYR A 86 28.41 8.40 -2.57
C TYR A 86 29.38 7.42 -3.22
N ILE A 87 30.31 6.91 -2.41
CA ILE A 87 31.36 6.04 -2.96
C ILE A 87 30.76 4.77 -3.54
N ASN A 88 29.82 4.16 -2.81
CA ASN A 88 29.24 2.90 -3.29
C ASN A 88 28.49 3.08 -4.58
N LYS A 89 27.75 4.19 -4.73
CA LYS A 89 26.97 4.40 -5.96
C LYS A 89 27.86 4.79 -7.15
N LEU A 90 28.95 5.58 -6.94
CA LEU A 90 29.91 5.91 -8.01
C LEU A 90 30.67 4.66 -8.48
N ILE A 91 30.97 3.74 -7.55
CA ILE A 91 31.55 2.46 -7.95
C ILE A 91 30.58 1.66 -8.79
N ARG A 92 29.29 1.60 -8.38
CA ARG A 92 28.28 0.83 -9.10
C ARG A 92 28.10 1.30 -10.56
N VAL A 93 28.20 2.61 -10.83
CA VAL A 93 28.13 3.12 -12.21
C VAL A 93 29.50 3.17 -12.90
N GLU A 94 30.56 2.72 -12.24
CA GLU A 94 31.91 2.69 -12.78
C GLU A 94 32.50 4.09 -13.01
N LEU A 95 32.01 5.10 -12.29
CA LEU A 95 32.73 6.36 -12.30
C LEU A 95 33.90 6.36 -11.34
N LEU A 96 33.98 5.40 -10.41
CA LEU A 96 35.14 5.20 -9.55
C LEU A 96 35.61 3.76 -9.79
N GLU A 97 36.92 3.56 -9.84
CA GLU A 97 37.46 2.22 -10.06
C GLU A 97 37.75 1.49 -8.76
N LYS A 98 37.74 2.20 -7.63
CA LYS A 98 37.95 1.56 -6.34
C LYS A 98 37.43 2.54 -5.30
N GLY A 99 37.12 2.01 -4.12
CA GLY A 99 36.67 2.80 -2.99
C GLY A 99 37.83 3.34 -2.18
N ILE A 100 37.52 3.78 -0.97
CA ILE A 100 38.51 4.33 -0.04
C ILE A 100 38.82 3.37 1.09
N ASN A 101 37.81 2.66 1.61
CA ASN A 101 37.99 1.70 2.69
C ASN A 101 36.86 0.67 2.58
N SER A 102 37.16 -0.53 2.09
CA SER A 102 36.08 -1.46 1.76
C SER A 102 35.37 -1.92 3.00
N ASP A 103 36.08 -2.05 4.12
CA ASP A 103 35.40 -2.38 5.37
C ASP A 103 34.41 -1.30 5.74
N TYR A 104 34.79 -0.03 5.61
CA TYR A 104 33.87 1.03 5.99
C TYR A 104 32.71 1.12 5.00
N GLU A 105 32.99 0.91 3.70
CA GLU A 105 31.89 0.96 2.74
C GLU A 105 30.84 -0.11 3.04
N ILE A 106 31.22 -1.23 3.68
CA ILE A 106 30.24 -2.21 4.13
C ILE A 106 29.60 -1.78 5.44
N LEU A 107 30.41 -1.37 6.39
CA LEU A 107 29.91 -1.05 7.72
C LEU A 107 28.89 0.08 7.65
N PHE A 108 29.16 1.10 6.84
CA PHE A 108 28.32 2.30 6.80
C PHE A 108 27.24 2.24 5.73
N GLU A 109 26.99 1.06 5.14
CA GLU A 109 26.19 0.99 3.92
C GLU A 109 24.69 1.16 4.18
N PHE A 110 24.11 0.35 5.07
CA PHE A 110 22.67 0.24 5.19
C PHE A 110 22.18 0.83 6.51
N GLY A 111 21.20 1.74 6.40
CA GLY A 111 20.56 2.26 7.62
C GLY A 111 19.52 1.30 8.18
N VAL A 112 18.65 1.78 9.06
CA VAL A 112 17.71 0.84 9.75
C VAL A 112 16.28 1.39 9.81
N ASP A 113 15.30 0.50 9.89
CA ASP A 113 13.89 0.94 10.07
C ASP A 113 13.19 -0.07 10.99
N PRO A 114 13.65 -0.24 12.24
CA PRO A 114 13.07 -1.27 13.10
C PRO A 114 11.66 -0.94 13.57
N GLU A 115 10.92 -2.01 13.89
CA GLU A 115 9.61 -1.87 14.53
C GLU A 115 9.72 -1.58 16.02
N ASN A 116 10.82 -1.97 16.67
CA ASN A 116 11.02 -1.71 18.09
C ASN A 116 12.50 -1.52 18.40
N ALA A 117 12.75 -0.91 19.57
CA ALA A 117 14.13 -0.69 20.01
C ALA A 117 14.88 -2.00 20.26
N GLU A 118 14.19 -3.08 20.68
CA GLU A 118 14.91 -4.30 20.99
C GLU A 118 15.51 -4.91 19.72
N GLU A 119 14.76 -4.87 18.63
CA GLU A 119 15.24 -5.41 17.34
C GLU A 119 16.58 -4.76 16.98
N LEU A 120 16.63 -3.43 17.08
CA LEU A 120 17.85 -2.70 16.69
C LEU A 120 18.99 -3.02 17.65
N ASN A 121 18.70 -2.97 18.94
CA ASN A 121 19.73 -3.27 19.98
C ASN A 121 20.44 -4.58 19.63
N GLN A 122 19.68 -5.59 19.20
CA GLN A 122 20.25 -6.93 18.89
C GLN A 122 20.91 -6.89 17.51
N ILE A 127 28.69 -4.77 17.21
CA ILE A 127 29.46 -4.02 16.17
C ILE A 127 30.61 -3.27 16.83
N ASN A 128 31.80 -3.40 16.26
CA ASN A 128 32.94 -2.59 16.74
C ASN A 128 33.02 -1.39 15.80
N TRP A 129 32.57 -0.24 16.28
CA TRP A 129 32.65 0.99 15.45
C TRP A 129 34.07 1.54 15.43
N PRO A 130 34.50 2.21 14.36
CA PRO A 130 35.81 2.90 14.36
C PRO A 130 35.81 4.13 15.26
N ASP A 131 37.01 4.61 15.53
CA ASP A 131 37.20 5.88 16.23
C ASP A 131 36.62 7.04 15.44
N VAL A 132 36.16 8.08 16.16
CA VAL A 132 35.61 9.27 15.52
C VAL A 132 36.62 9.90 14.57
N ARG A 133 37.88 9.97 14.99
CA ARG A 133 38.88 10.57 14.11
C ARG A 133 39.08 9.75 12.85
N GLN A 134 38.99 8.42 12.94
CA GLN A 134 39.10 7.60 11.73
C GLN A 134 37.93 7.83 10.78
N VAL A 135 36.73 8.09 11.31
CA VAL A 135 35.59 8.31 10.40
C VAL A 135 35.68 9.70 9.76
N TRP A 136 36.14 10.73 10.53
CA TRP A 136 36.39 12.04 9.89
C TRP A 136 37.44 11.93 8.79
N ASP A 137 38.50 11.14 9.02
CA ASP A 137 39.51 10.95 7.98
CA ASP A 137 39.51 10.95 7.98
C ASP A 137 38.91 10.33 6.73
N TYR A 138 38.07 9.30 6.90
CA TYR A 138 37.36 8.66 5.80
C TYR A 138 36.53 9.69 5.05
N ARG A 139 35.74 10.51 5.76
CA ARG A 139 34.99 11.59 5.10
C ARG A 139 35.86 12.47 4.26
N ASN A 140 36.98 12.92 4.82
CA ASN A 140 37.78 13.91 4.14
C ASN A 140 38.42 13.31 2.89
N LYS A 141 38.79 12.02 2.97
CA LYS A 141 39.33 11.35 1.78
C LYS A 141 38.25 11.17 0.74
N ALA A 142 37.05 10.74 1.14
CA ALA A 142 35.95 10.56 0.19
C ALA A 142 35.62 11.86 -0.51
N TYR A 143 35.57 12.97 0.24
CA TYR A 143 35.26 14.26 -0.34
C TYR A 143 36.24 14.61 -1.46
N GLU A 144 37.54 14.37 -1.24
CA GLU A 144 38.53 14.72 -2.26
C GLU A 144 38.44 13.79 -3.47
N VAL A 145 38.14 12.50 -3.25
CA VAL A 145 38.00 11.54 -4.33
C VAL A 145 36.80 11.89 -5.21
N ILE A 146 35.66 12.24 -4.59
CA ILE A 146 34.49 12.60 -5.37
C ILE A 146 34.70 13.91 -6.12
N LEU A 147 35.25 14.92 -5.45
CA LEU A 147 35.50 16.18 -6.12
C LEU A 147 36.37 15.98 -7.38
N GLU A 148 37.37 15.09 -7.30
CA GLU A 148 38.19 14.81 -8.47
C GLU A 148 37.39 14.13 -9.56
N VAL A 149 36.50 13.18 -9.22
CA VAL A 149 35.59 12.60 -10.23
C VAL A 149 34.81 13.70 -10.92
N ILE A 150 34.24 14.65 -10.13
CA ILE A 150 33.45 15.71 -10.74
C ILE A 150 34.30 16.53 -11.70
N LYS A 151 35.52 16.90 -11.29
CA LYS A 151 36.34 17.78 -12.13
C LYS A 151 36.83 17.08 -13.40
N ASN A 152 36.91 15.76 -13.39
CA ASN A 152 37.45 14.97 -14.49
C ASN A 152 36.39 14.36 -15.38
N THR A 153 35.10 14.51 -15.07
CA THR A 153 34.03 13.95 -15.89
C THR A 153 33.38 15.04 -16.73
N THR A 154 32.99 14.68 -17.96
CA THR A 154 32.25 15.60 -18.80
C THR A 154 30.79 15.60 -18.41
N PHE A 155 30.24 16.80 -18.20
CA PHE A 155 28.83 16.97 -17.88
C PHE A 155 28.13 17.29 -19.20
N ASP A 156 27.76 16.24 -19.94
CA ASP A 156 27.04 16.40 -21.22
C ASP A 156 25.54 16.58 -20.93
N LEU A 157 25.05 17.80 -21.12
CA LEU A 157 23.65 18.09 -20.77
C LEU A 157 22.74 17.55 -21.87
N PRO A 158 21.54 17.09 -21.50
CA PRO A 158 21.16 17.02 -20.09
C PRO A 158 21.44 15.72 -19.34
N ILE A 159 21.58 15.82 -18.01
CA ILE A 159 21.66 14.57 -17.25
C ILE A 159 20.28 13.90 -17.16
N HIS A 160 20.25 12.60 -16.92
CA HIS A 160 18.99 11.84 -16.88
C HIS A 160 19.23 10.50 -16.18
N ALA A 161 18.12 9.74 -15.96
CA ALA A 161 18.18 8.57 -15.09
C ALA A 161 19.02 7.42 -15.63
N SER A 162 19.36 7.43 -16.92
CA SER A 162 20.23 6.40 -17.48
C SER A 162 21.62 6.93 -17.75
N HIS A 163 21.94 8.10 -17.24
CA HIS A 163 23.25 8.68 -17.35
C HIS A 163 24.06 8.31 -16.11
N PRO A 164 25.36 7.98 -16.22
CA PRO A 164 26.11 7.57 -15.02
C PRO A 164 26.09 8.64 -13.91
N LEU A 165 26.01 9.93 -14.28
CA LEU A 165 26.02 10.96 -13.25
C LEU A 165 24.74 10.94 -12.42
N TRP A 166 23.73 10.16 -12.80
CA TRP A 166 22.61 10.00 -11.85
C TRP A 166 23.11 9.52 -10.47
N ALA A 167 24.17 8.71 -10.44
CA ALA A 167 24.74 8.27 -9.17
C ALA A 167 25.14 9.43 -8.27
N LEU A 168 25.71 10.48 -8.91
CA LEU A 168 26.15 11.65 -8.15
C LEU A 168 24.93 12.46 -7.68
N MET A 169 23.93 12.62 -8.57
CA MET A 169 22.73 13.36 -8.14
C MET A 169 22.05 12.65 -6.96
N MET A 170 22.00 11.31 -7.02
CA MET A 170 21.42 10.50 -5.96
C MET A 170 22.20 10.67 -4.67
N GLY A 171 23.52 10.66 -4.76
CA GLY A 171 24.33 10.87 -3.57
C GLY A 171 24.12 12.23 -2.90
N MET A 172 23.97 13.31 -3.71
CA MET A 172 23.84 14.63 -3.11
C MET A 172 22.50 14.74 -2.41
N GLU A 173 21.43 14.21 -3.03
CA GLU A 173 20.14 14.27 -2.34
C GLU A 173 20.12 13.41 -1.08
N HIS A 174 20.74 12.23 -1.14
CA HIS A 174 20.81 11.37 0.05
C HIS A 174 21.50 12.08 1.19
N GLN A 175 22.59 12.81 0.91
CA GLN A 175 23.27 13.57 1.95
C GLN A 175 22.37 14.65 2.53
N ARG A 176 21.65 15.36 1.65
CA ARG A 176 20.76 16.40 2.22
C ARG A 176 19.61 15.76 3.03
N ILE A 177 19.10 14.61 2.61
CA ILE A 177 18.07 13.92 3.43
C ILE A 177 18.65 13.56 4.80
N HIS A 178 19.90 13.10 4.81
CA HIS A 178 20.50 12.79 6.12
C HIS A 178 20.88 14.01 6.95
N PHE A 179 21.09 15.19 6.34
CA PHE A 179 21.15 16.40 7.19
C PHE A 179 19.84 16.50 7.99
N GLU A 180 18.71 16.30 7.33
CA GLU A 180 17.44 16.49 8.01
C GLU A 180 17.22 15.40 9.04
N THR A 181 17.44 14.13 8.66
CA THR A 181 17.12 13.11 9.65
C THR A 181 18.15 13.07 10.79
N SER A 182 19.43 13.43 10.52
CA SER A 182 20.38 13.58 11.63
C SER A 182 20.08 14.77 12.54
N SER A 183 19.53 15.85 11.99
CA SER A 183 19.17 16.97 12.85
C SER A 183 18.20 16.51 13.94
N MET A 184 17.29 15.58 13.63
CA MET A 184 16.38 15.05 14.64
C MET A 184 17.11 14.23 15.68
N LEU A 185 18.21 13.57 15.31
CA LEU A 185 18.98 12.83 16.32
C LEU A 185 19.72 13.77 17.26
N LEU A 186 20.33 14.84 16.72
CA LEU A 186 21.04 15.81 17.55
C LEU A 186 20.05 16.50 18.50
N ARG A 187 18.79 16.72 18.05
CA ARG A 187 17.80 17.37 18.90
C ARG A 187 17.42 16.52 20.12
N GLN A 188 17.64 15.20 20.02
CA GLN A 188 17.37 14.27 21.12
C GLN A 188 18.55 14.10 22.06
N LEU A 189 19.73 14.73 21.75
CA LEU A 189 20.81 14.79 22.72
C LEU A 189 20.52 15.89 23.75
N PRO A 190 20.99 15.76 25.00
CA PRO A 190 20.93 16.89 25.94
C PRO A 190 21.57 18.17 25.36
N THR A 191 21.00 19.34 25.68
CA THR A 191 21.59 20.58 25.15
C THR A 191 23.08 20.72 25.52
N GLU A 192 23.50 20.19 26.69
CA GLU A 192 24.90 20.34 27.09
C GLU A 192 25.87 19.59 26.19
N LYS A 193 25.38 18.67 25.38
CA LYS A 193 26.20 17.86 24.50
C LYS A 193 26.39 18.45 23.11
N VAL A 194 25.69 19.53 22.76
CA VAL A 194 25.75 20.11 21.42
C VAL A 194 26.02 21.61 21.55
N GLU A 195 26.58 22.16 20.48
CA GLU A 195 26.92 23.58 20.39
C GLU A 195 26.27 24.18 19.13
N LYS A 196 25.45 25.20 19.32
CA LYS A 196 24.79 25.89 18.21
C LYS A 196 25.79 26.50 17.24
N PRO A 197 25.75 26.15 15.94
CA PRO A 197 26.66 26.77 14.96
C PRO A 197 26.43 28.27 14.84
N GLN A 198 27.50 29.04 14.50
CA GLN A 198 27.35 30.48 14.26
C GLN A 198 26.28 30.70 13.23
N GLY A 199 25.35 31.60 13.53
CA GLY A 199 24.35 32.02 12.58
C GLY A 199 23.08 31.19 12.60
N TRP A 200 23.01 30.11 13.40
CA TRP A 200 21.74 29.38 13.50
C TRP A 200 20.71 30.31 14.13
N GLN A 201 19.55 30.43 13.51
CA GLN A 201 18.56 31.42 13.88
C GLN A 201 17.18 30.75 13.93
N TYR A 202 16.53 30.76 15.09
CA TYR A 202 15.13 30.33 15.21
C TYR A 202 14.16 31.45 14.79
N ALA A 203 12.95 31.03 14.41
CA ALA A 203 11.90 32.01 14.06
C ALA A 203 11.43 32.71 15.32
N PRO A 204 10.79 33.87 15.19
CA PRO A 204 10.20 34.54 16.35
C PRO A 204 9.17 33.61 17.02
N SER A 205 9.13 33.61 18.34
CA SER A 205 8.32 32.60 19.06
C SER A 205 7.15 33.23 19.81
N GLN A 206 7.36 34.44 20.34
CA GLN A 206 6.26 35.15 20.99
C GLN A 206 5.13 35.15 19.95
N GLY A 207 3.91 35.07 20.42
CA GLY A 207 2.77 34.96 19.54
C GLY A 207 1.73 33.97 20.04
N VAL A 208 0.52 34.44 20.32
CA VAL A 208 -0.63 33.58 20.60
C VAL A 208 -1.21 33.28 19.21
N PRO A 209 -1.73 32.08 18.96
CA PRO A 209 -2.22 31.76 17.63
C PRO A 209 -3.47 32.55 17.26
N ASN A 210 -3.63 32.77 15.96
CA ASN A 210 -4.85 33.28 15.35
C ASN A 210 -5.90 32.18 15.26
N THR A 211 -7.16 32.58 15.10
CA THR A 211 -8.22 31.61 14.86
C THR A 211 -7.86 30.71 13.67
N ASN A 212 -8.04 29.40 13.86
CA ASN A 212 -7.81 28.42 12.78
C ASN A 212 -9.08 27.99 12.04
N LYS A 213 -9.44 28.74 11.04
CA LYS A 213 -10.70 28.57 10.31
C LYS A 213 -10.68 27.36 9.40
N MET A 214 -11.82 26.72 9.24
CA MET A 214 -11.93 25.63 8.27
C MET A 214 -12.21 26.22 6.88
N ILE A 215 -11.47 25.80 5.86
CA ILE A 215 -11.58 26.35 4.49
C ILE A 215 -12.09 25.27 3.54
N LEU A 216 -13.10 25.61 2.71
CA LEU A 216 -13.56 24.66 1.72
C LEU A 216 -12.58 24.60 0.56
N VAL A 217 -12.04 23.42 0.30
CA VAL A 217 -11.19 23.18 -0.85
C VAL A 217 -12.08 22.57 -1.91
N GLU A 218 -12.27 23.27 -3.03
CA GLU A 218 -13.16 22.77 -4.08
C GLU A 218 -12.61 21.50 -4.71
N GLY A 219 -13.47 20.50 -4.91
CA GLY A 219 -13.01 19.26 -5.53
C GLY A 219 -12.56 19.48 -6.96
N GLY A 220 -11.67 18.60 -7.42
CA GLY A 220 -11.27 18.54 -8.83
C GLY A 220 -10.43 17.30 -9.01
N THR A 221 -9.85 17.15 -10.21
CA THR A 221 -9.01 16.00 -10.52
C THR A 221 -7.52 16.38 -10.44
N VAL A 222 -6.72 15.49 -9.84
CA VAL A 222 -5.28 15.70 -9.83
C VAL A 222 -4.61 14.52 -10.53
N THR A 223 -3.41 14.78 -11.07
CA THR A 223 -2.57 13.68 -11.56
C THR A 223 -1.38 13.58 -10.63
N LEU A 224 -1.22 12.43 -10.00
CA LEU A 224 -0.05 12.17 -9.14
C LEU A 224 1.05 11.55 -9.96
N GLY A 225 2.29 11.80 -9.55
CA GLY A 225 3.42 11.09 -10.13
C GLY A 225 4.31 12.05 -10.91
N LYS A 226 5.36 11.49 -11.46
CA LYS A 226 6.37 12.25 -12.18
C LYS A 226 6.66 11.49 -13.46
N ALA A 227 6.81 12.24 -14.56
CA ALA A 227 7.18 11.63 -15.83
C ALA A 227 8.64 11.24 -15.83
N LYS A 228 8.93 10.13 -16.53
CA LYS A 228 10.29 9.62 -16.65
C LYS A 228 11.28 10.66 -17.15
N ASP A 229 10.87 11.53 -18.09
CA ASP A 229 11.81 12.49 -18.66
C ASP A 229 11.66 13.90 -18.06
N ASN A 230 11.06 13.98 -16.86
CA ASN A 230 11.04 15.26 -16.16
C ASN A 230 12.48 15.67 -15.82
N PRO A 231 12.85 16.91 -16.08
CA PRO A 231 14.28 17.30 -15.95
C PRO A 231 14.70 17.70 -14.52
N LEU A 232 14.31 16.88 -13.53
CA LEU A 232 14.69 17.05 -12.12
C LEU A 232 15.04 15.68 -11.58
N TYR A 233 16.12 15.59 -10.78
CA TYR A 233 16.40 14.34 -10.09
C TYR A 233 15.20 13.94 -9.22
N GLY A 234 14.89 12.64 -9.17
CA GLY A 234 13.96 12.15 -8.19
C GLY A 234 14.23 10.70 -7.86
N TRP A 235 13.60 10.24 -6.77
CA TRP A 235 13.72 8.84 -6.33
C TRP A 235 12.66 7.97 -7.04
N ASP A 236 12.90 6.66 -7.06
CA ASP A 236 12.01 5.76 -7.84
C ASP A 236 10.53 5.91 -7.47
N CYS A 237 10.24 6.02 -6.19
CA CYS A 237 8.82 6.04 -5.74
C CYS A 237 8.08 7.32 -6.16
N GLU A 238 8.83 8.29 -6.68
CA GLU A 238 8.19 9.54 -7.14
C GLU A 238 7.55 9.35 -8.51
N TYR A 239 8.00 8.35 -9.25
CA TYR A 239 7.57 8.20 -10.66
C TYR A 239 6.33 7.34 -10.86
N GLY A 240 5.56 7.73 -11.86
CA GLY A 240 4.37 6.98 -12.20
C GLY A 240 3.30 7.96 -12.58
N ASP A 241 2.06 7.47 -12.72
CA ASP A 241 0.98 8.31 -13.23
C ASP A 241 -0.33 7.80 -12.66
N ARG A 242 -1.03 8.68 -11.91
CA ARG A 242 -2.29 8.28 -11.29
C ARG A 242 -3.27 9.43 -11.29
N LEU A 243 -4.39 9.23 -11.99
CA LEU A 243 -5.45 10.22 -11.99
C LEU A 243 -6.40 9.96 -10.83
N VAL A 244 -6.68 10.99 -10.00
CA VAL A 244 -7.60 10.84 -8.88
C VAL A 244 -8.61 11.99 -8.90
N LYS A 245 -9.90 11.63 -8.93
CA LYS A 245 -11.00 12.57 -8.68
C LYS A 245 -11.14 12.81 -7.16
N VAL A 246 -10.99 14.05 -6.74
CA VAL A 246 -11.02 14.42 -5.33
C VAL A 246 -12.28 15.23 -5.07
N ASP A 247 -13.14 14.72 -4.17
CA ASP A 247 -14.33 15.47 -3.77
C ASP A 247 -13.94 16.69 -2.92
N SER A 248 -14.80 17.72 -2.94
CA SER A 248 -14.54 18.85 -2.05
C SER A 248 -14.42 18.41 -0.60
N PHE A 249 -13.63 19.18 0.18
CA PHE A 249 -13.45 18.88 1.60
C PHE A 249 -13.07 20.17 2.34
N PHE A 250 -13.23 20.17 3.68
CA PHE A 250 -12.80 21.29 4.50
C PHE A 250 -11.46 20.95 5.16
N ALA A 251 -10.56 21.95 5.22
CA ALA A 251 -9.27 21.78 5.85
C ALA A 251 -8.96 23.02 6.67
N SER A 252 -8.33 22.83 7.82
CA SER A 252 -7.93 24.00 8.61
C SER A 252 -6.86 24.84 7.87
N GLN A 253 -7.05 26.17 7.88
CA GLN A 253 -6.16 27.04 7.11
C GLN A 253 -4.73 26.96 7.64
N TYR A 254 -4.55 26.71 8.94
CA TYR A 254 -3.23 26.55 9.53
C TYR A 254 -2.99 25.11 9.97
N LEU A 255 -1.71 24.71 9.96
CA LEU A 255 -1.31 23.52 10.74
C LEU A 255 -1.75 23.70 12.21
N VAL A 256 -2.16 22.59 12.88
CA VAL A 256 -2.53 22.69 14.32
C VAL A 256 -1.32 23.19 15.10
N THR A 257 -1.54 24.20 15.93
CA THR A 257 -0.46 24.89 16.63
C THR A 257 -0.19 24.23 17.98
N ASN A 258 0.97 24.60 18.57
CA ASN A 258 1.26 24.20 19.93
C ASN A 258 0.15 24.65 20.88
N GLY A 259 -0.37 25.89 20.70
CA GLY A 259 -1.45 26.34 21.61
C GLY A 259 -2.74 25.54 21.46
N GLU A 260 -3.11 25.19 20.22
CA GLU A 260 -4.28 24.32 20.02
C GLU A 260 -4.05 22.96 20.68
N PHE A 261 -2.84 22.42 20.55
CA PHE A 261 -2.60 21.09 21.08
C PHE A 261 -2.52 21.12 22.62
N LEU A 262 -2.04 22.23 23.18
CA LEU A 262 -2.11 22.39 24.65
C LEU A 262 -3.55 22.31 25.17
N GLU A 263 -4.53 22.88 24.43
CA GLU A 263 -5.94 22.71 24.81
C GLU A 263 -6.36 21.24 24.85
N PHE A 264 -5.95 20.44 23.84
CA PHE A 264 -6.24 19.01 23.87
C PHE A 264 -5.63 18.35 25.11
N ILE A 265 -4.41 18.73 25.46
CA ILE A 265 -3.77 18.17 26.63
C ILE A 265 -4.58 18.52 27.89
N ASN A 266 -5.00 19.78 27.99
CA ASN A 266 -5.74 20.24 29.16
C ASN A 266 -7.14 19.63 29.27
N ARG A 267 -7.70 19.16 28.17
CA ARG A 267 -8.94 18.40 28.16
C ARG A 267 -8.70 16.89 28.24
N LYS A 268 -7.59 16.48 28.86
CA LYS A 268 -7.25 15.08 29.14
C LYS A 268 -7.10 14.26 27.86
N GLY A 269 -6.53 14.89 26.79
CA GLY A 269 -6.39 14.16 25.52
C GLY A 269 -5.57 12.87 25.62
N TYR A 270 -4.48 12.89 26.42
CA TYR A 270 -3.62 11.72 26.54
C TYR A 270 -4.19 10.69 27.53
N GLU A 271 -5.29 11.03 28.20
CA GLU A 271 -5.81 10.16 29.27
C GLU A 271 -7.15 9.55 28.91
N THR A 272 -7.66 9.79 27.69
CA THR A 272 -9.00 9.38 27.29
C THR A 272 -8.91 8.33 26.17
N GLN A 273 -9.19 7.06 26.51
CA GLN A 273 -9.01 5.97 25.55
C GLN A 273 -9.81 6.18 24.27
N SER A 274 -11.01 6.79 24.38
CA SER A 274 -11.87 6.84 23.21
C SER A 274 -11.28 7.70 22.09
N TYR A 275 -10.31 8.59 22.39
CA TYR A 275 -9.65 9.36 21.32
C TYR A 275 -8.56 8.57 20.60
N TRP A 276 -8.13 7.46 21.19
CA TRP A 276 -7.01 6.64 20.71
C TRP A 276 -7.58 5.35 20.11
N ASN A 277 -6.69 4.45 19.68
CA ASN A 277 -7.06 3.06 19.37
C ASN A 277 -6.11 2.15 20.15
N GLU A 278 -6.36 0.81 20.09
CA GLU A 278 -5.56 -0.07 20.96
C GLU A 278 -4.07 0.06 20.64
N LYS A 279 -3.70 0.08 19.34
CA LYS A 279 -2.29 0.16 18.98
C LYS A 279 -1.68 1.48 19.42
N SER A 280 -2.37 2.60 19.17
CA SER A 280 -1.70 3.85 19.55
C SER A 280 -1.68 4.07 21.05
N TRP A 281 -2.73 3.58 21.74
CA TRP A 281 -2.74 3.67 23.22
C TRP A 281 -1.62 2.85 23.81
N GLN A 282 -1.36 1.64 23.22
CA GLN A 282 -0.28 0.80 23.72
C GLN A 282 1.06 1.52 23.56
N TRP A 283 1.26 2.20 22.43
CA TRP A 283 2.50 2.96 22.23
C TRP A 283 2.62 4.07 23.28
N LYS A 284 1.52 4.80 23.54
CA LYS A 284 1.54 5.91 24.48
C LYS A 284 1.88 5.41 25.88
N GLU A 285 1.24 4.32 26.30
CA GLU A 285 1.51 3.79 27.65
C GLU A 285 2.93 3.24 27.77
N GLU A 286 3.37 2.46 26.78
CA GLU A 286 4.71 1.87 26.83
C GLU A 286 5.79 2.94 26.95
N ASN A 287 5.59 4.09 26.31
CA ASN A 287 6.57 5.16 26.37
C ASN A 287 6.26 6.26 27.40
N LYS A 288 5.26 6.03 28.26
CA LYS A 288 4.82 6.94 29.33
C LYS A 288 4.60 8.36 28.83
N VAL A 289 3.98 8.49 27.65
CA VAL A 289 3.83 9.79 26.99
C VAL A 289 2.66 10.59 27.58
N LYS A 290 2.95 11.87 27.94
CA LYS A 290 1.94 12.79 28.47
C LYS A 290 1.82 14.05 27.64
N ASN A 291 2.69 14.24 26.63
CA ASN A 291 2.75 15.48 25.85
C ASN A 291 3.65 15.25 24.65
N PRO A 292 3.68 16.17 23.68
CA PRO A 292 4.59 16.00 22.54
C PRO A 292 6.04 15.85 22.97
N LYS A 293 6.83 15.19 22.09
CA LYS A 293 8.17 14.73 22.44
C LYS A 293 9.09 15.84 22.94
N PHE A 294 9.02 17.03 22.33
CA PHE A 294 9.99 18.06 22.64
C PHE A 294 9.42 19.12 23.58
N TRP A 295 8.37 18.81 24.34
CA TRP A 295 7.91 19.64 25.43
C TRP A 295 8.36 19.04 26.76
N GLN A 296 8.59 19.90 27.75
CA GLN A 296 8.85 19.46 29.13
C GLN A 296 8.08 20.35 30.09
N PHE A 297 7.43 19.76 31.07
CA PHE A 297 6.69 20.58 32.04
C PHE A 297 7.54 20.84 33.27
N ASN A 298 7.77 22.11 33.59
CA ASN A 298 8.51 22.47 34.80
C ASN A 298 8.00 23.80 35.34
N ASN A 299 7.95 23.90 36.67
CA ASN A 299 7.55 25.15 37.34
C ASN A 299 6.25 25.68 36.75
N GLY A 300 5.29 24.78 36.55
CA GLY A 300 3.96 25.16 36.09
C GLY A 300 3.82 25.49 34.62
N LYS A 301 4.82 25.25 33.77
CA LYS A 301 4.70 25.71 32.38
C LYS A 301 5.53 24.80 31.48
N TYR A 302 5.16 24.75 30.20
CA TYR A 302 5.93 23.91 29.28
C TYR A 302 7.10 24.70 28.69
N SER A 303 8.28 24.09 28.65
CA SER A 303 9.34 24.60 27.78
C SER A 303 9.36 23.71 26.54
N TYR A 304 10.07 24.19 25.54
CA TYR A 304 10.14 23.54 24.22
C TYR A 304 11.59 23.40 23.82
N ARG A 305 11.95 22.21 23.30
CA ARG A 305 13.31 21.97 22.85
C ARG A 305 13.39 22.24 21.36
N ALA A 306 14.02 23.38 21.02
CA ALA A 306 14.43 23.70 19.66
C ALA A 306 15.71 22.92 19.37
N MET A 307 16.39 23.19 18.26
CA MET A 307 17.53 22.33 17.89
C MET A 307 18.56 22.27 19.03
N PHE A 308 18.95 23.46 19.58
CA PHE A 308 20.09 23.52 20.51
C PHE A 308 19.74 24.10 21.86
N ASP A 309 18.53 24.60 22.05
CA ASP A 309 18.18 25.35 23.24
C ASP A 309 16.75 25.00 23.67
N GLU A 310 16.49 25.10 24.99
CA GLU A 310 15.11 25.11 25.50
C GLU A 310 14.64 26.55 25.58
N ILE A 311 13.41 26.77 25.14
CA ILE A 311 12.78 28.09 25.13
C ILE A 311 11.33 27.95 25.59
N PRO A 312 10.69 29.04 26.02
CA PRO A 312 9.26 28.94 26.31
C PRO A 312 8.47 28.40 25.12
N LEU A 313 7.45 27.60 25.42
CA LEU A 313 6.65 26.98 24.34
C LEU A 313 6.16 28.02 23.36
N PRO A 314 6.52 27.93 22.04
CA PRO A 314 6.04 28.90 21.02
C PRO A 314 4.62 28.58 20.63
N LEU A 315 3.66 29.35 21.14
CA LEU A 315 2.27 28.88 21.04
C LEU A 315 1.73 28.88 19.61
N ASP A 316 2.28 29.74 18.69
CA ASP A 316 1.75 29.85 17.35
C ASP A 316 2.57 29.06 16.33
N TRP A 317 3.56 28.30 16.77
CA TRP A 317 4.23 27.39 15.84
C TRP A 317 3.39 26.11 15.67
N PRO A 318 3.55 25.40 14.54
CA PRO A 318 2.87 24.10 14.38
C PRO A 318 3.34 23.12 15.45
N VAL A 319 2.39 22.37 16.00
CA VAL A 319 2.79 21.31 16.94
C VAL A 319 3.52 20.19 16.19
N GLU A 320 4.52 19.59 16.84
CA GLU A 320 5.26 18.48 16.24
C GLU A 320 4.87 17.19 16.96
N VAL A 321 4.29 16.25 16.19
CA VAL A 321 3.67 15.06 16.75
C VAL A 321 4.00 13.87 15.84
N ASN A 322 3.85 12.64 16.37
CA ASN A 322 3.82 11.51 15.44
C ASN A 322 2.38 11.27 14.97
N TYR A 323 2.19 10.27 14.09
CA TYR A 323 0.88 10.05 13.49
C TYR A 323 -0.16 9.68 14.56
N TYR A 324 0.23 8.81 15.49
CA TYR A 324 -0.66 8.39 16.59
C TYR A 324 -1.25 9.61 17.31
N GLU A 325 -0.37 10.61 17.65
CA GLU A 325 -0.82 11.82 18.36
C GLU A 325 -1.72 12.67 17.47
N ALA A 326 -1.37 12.81 16.18
CA ALA A 326 -2.22 13.55 15.26
C ALA A 326 -3.63 12.94 15.25
N MET A 327 -3.72 11.62 15.11
CA MET A 327 -5.04 10.98 15.10
C MET A 327 -5.78 11.12 16.42
N ALA A 328 -5.06 11.10 17.57
CA ALA A 328 -5.76 11.27 18.85
C ALA A 328 -6.38 12.66 18.94
N TYR A 329 -5.66 13.71 18.48
CA TYR A 329 -6.27 15.04 18.42
C TYR A 329 -7.49 15.04 17.50
N CYS A 330 -7.42 14.36 16.34
CA CYS A 330 -8.61 14.21 15.50
C CYS A 330 -9.77 13.54 16.29
N GLY A 331 -9.43 12.55 17.12
CA GLY A 331 -10.46 11.86 17.90
C GLY A 331 -11.15 12.79 18.89
N TRP A 332 -10.38 13.65 19.53
CA TRP A 332 -10.92 14.64 20.44
C TRP A 332 -11.81 15.63 19.70
N LYS A 333 -11.41 16.05 18.50
CA LYS A 333 -12.29 16.92 17.68
C LYS A 333 -13.58 16.24 17.33
N GLY A 334 -13.56 14.93 17.07
CA GLY A 334 -14.80 14.26 16.80
C GLY A 334 -15.36 14.69 15.44
N LYS A 335 -16.63 14.35 15.21
CA LYS A 335 -17.39 14.86 14.07
C LYS A 335 -16.79 14.41 12.74
N GLY A 336 -16.19 13.21 12.69
CA GLY A 336 -15.53 12.78 11.46
C GLY A 336 -14.23 13.51 11.12
N THR A 337 -13.59 14.12 12.11
CA THR A 337 -12.33 14.82 11.83
C THR A 337 -11.23 13.82 11.50
N ARG A 338 -10.38 14.17 10.52
CA ARG A 338 -9.47 13.17 9.95
C ARG A 338 -8.30 13.92 9.32
N LEU A 339 -7.38 13.17 8.68
CA LEU A 339 -6.28 13.76 7.95
C LEU A 339 -6.53 13.61 6.44
N MET A 340 -5.86 14.48 5.68
CA MET A 340 -5.91 14.41 4.23
C MET A 340 -5.30 13.11 3.69
N SER A 341 -5.83 12.66 2.56
CA SER A 341 -5.08 11.73 1.69
C SER A 341 -3.96 12.44 0.87
N GLU A 342 -3.11 11.62 0.19
CA GLU A 342 -2.09 12.23 -0.70
C GLU A 342 -2.74 13.03 -1.82
N ALA A 343 -3.80 12.50 -2.45
CA ALA A 343 -4.45 13.25 -3.53
C ALA A 343 -5.05 14.55 -3.01
N GLU A 344 -5.62 14.53 -1.82
CA GLU A 344 -6.20 15.75 -1.25
C GLU A 344 -5.14 16.83 -1.00
N TRP A 345 -4.00 16.43 -0.41
CA TRP A 345 -2.90 17.39 -0.22
C TRP A 345 -2.44 18.00 -1.54
N ASN A 346 -2.24 17.15 -2.55
CA ASN A 346 -1.82 17.64 -3.87
C ASN A 346 -2.82 18.62 -4.45
N LEU A 347 -4.12 18.30 -4.34
CA LEU A 347 -5.14 19.24 -4.84
C LEU A 347 -5.04 20.58 -4.11
N ALA A 348 -4.91 20.55 -2.78
CA ALA A 348 -4.84 21.79 -2.00
C ALA A 348 -3.58 22.59 -2.35
N ALA A 349 -2.46 21.89 -2.55
CA ALA A 349 -1.17 22.56 -2.72
C ALA A 349 -0.89 23.02 -4.16
N TYR A 350 -1.34 22.25 -5.18
CA TYR A 350 -0.93 22.48 -6.56
C TYR A 350 -2.12 22.62 -7.50
N GLY A 351 -3.34 22.46 -7.01
CA GLY A 351 -4.53 22.62 -7.85
C GLY A 351 -4.70 21.49 -8.86
N SER A 352 -5.52 21.76 -9.89
CA SER A 352 -5.79 20.76 -10.94
C SER A 352 -4.88 20.79 -12.16
N ASN A 353 -4.10 21.85 -12.37
CA ASN A 353 -3.03 21.92 -13.38
C ASN A 353 -2.50 20.59 -13.93
N TYR A 356 2.03 20.81 -14.63
CA TYR A 356 2.49 21.95 -13.82
C TYR A 356 4.00 22.12 -13.97
N GLN A 357 4.47 23.36 -14.15
CA GLN A 357 5.89 23.61 -14.33
C GLN A 357 6.49 24.04 -12.98
N VAL A 358 7.36 23.19 -12.41
CA VAL A 358 8.04 23.58 -11.18
C VAL A 358 8.87 24.85 -11.43
N ASP A 359 8.77 25.80 -10.51
CA ASP A 359 9.62 27.00 -10.45
C ASP A 359 10.46 26.93 -9.20
N ILE A 360 11.74 26.58 -9.35
CA ILE A 360 12.57 26.29 -8.18
C ILE A 360 12.68 27.49 -7.27
N GLU A 361 12.71 28.73 -7.83
CA GLU A 361 12.79 29.93 -6.98
C GLU A 361 11.62 30.05 -6.02
N LYS A 362 10.47 29.43 -6.30
CA LYS A 362 9.37 29.49 -5.37
C LYS A 362 9.67 28.80 -4.04
N VAL A 363 10.75 28.00 -3.95
CA VAL A 363 11.12 27.45 -2.64
C VAL A 363 11.37 28.59 -1.63
N ASN A 364 11.81 29.76 -2.13
CA ASN A 364 12.05 30.93 -1.27
C ASN A 364 10.80 31.51 -0.65
N ASP A 365 9.61 31.10 -1.12
CA ASP A 365 8.34 31.64 -0.64
C ASP A 365 7.80 30.90 0.58
N TYR A 366 8.45 29.82 1.02
CA TYR A 366 7.97 28.97 2.11
C TYR A 366 9.08 28.77 3.12
N ASN A 367 8.70 28.36 4.35
CA ASN A 367 9.71 28.00 5.35
C ASN A 367 10.31 26.64 4.99
N LEU A 368 11.24 26.69 4.02
CA LEU A 368 11.96 25.54 3.46
C LEU A 368 13.41 25.95 3.34
N ASN A 369 14.32 24.96 3.19
CA ASN A 369 15.67 25.26 2.74
C ASN A 369 16.41 26.20 3.68
N LEU A 370 16.22 25.96 4.99
CA LEU A 370 16.89 26.74 6.04
C LEU A 370 16.54 28.24 5.98
N LYS A 371 15.37 28.63 5.46
CA LYS A 371 14.91 30.02 5.66
C LYS A 371 14.94 30.38 7.13
N PHE A 372 14.48 29.48 8.01
CA PHE A 372 14.66 29.56 9.44
C PHE A 372 15.30 28.26 9.93
N GLY A 373 15.87 28.32 11.17
CA GLY A 373 16.47 27.18 11.83
C GLY A 373 15.50 26.47 12.76
N SER A 374 14.21 26.59 12.49
CA SER A 374 13.13 26.08 13.34
C SER A 374 11.83 26.18 12.56
N PRO A 375 10.74 25.60 13.06
CA PRO A 375 9.41 25.98 12.56
C PRO A 375 9.12 27.46 12.85
N SER A 376 8.09 27.98 12.18
CA SER A 376 7.73 29.39 12.21
C SER A 376 6.28 29.51 12.61
N PRO A 377 5.87 30.67 13.12
CA PRO A 377 4.44 30.89 13.42
C PRO A 377 3.61 30.63 12.17
N VAL A 378 2.47 29.95 12.35
CA VAL A 378 1.67 29.65 11.15
C VAL A 378 1.21 30.98 10.56
N GLY A 379 1.43 31.16 9.25
CA GLY A 379 1.08 32.42 8.63
C GLY A 379 2.13 33.53 8.67
N LEU A 380 3.24 33.36 9.39
CA LEU A 380 4.22 34.46 9.47
C LEU A 380 4.88 34.71 8.12
N VAL A 381 5.26 33.65 7.42
CA VAL A 381 5.86 33.81 6.09
C VAL A 381 4.73 34.19 5.14
N LYS A 382 4.70 35.47 4.73
CA LYS A 382 3.49 35.98 4.09
C LYS A 382 3.30 35.47 2.67
N THR A 383 4.35 34.95 2.02
CA THR A 383 4.28 34.33 0.69
C THR A 383 3.88 32.84 0.72
N ALA A 384 3.56 32.27 1.90
CA ALA A 384 3.39 30.83 2.07
C ALA A 384 1.93 30.34 2.04
N GLN A 385 0.97 31.17 1.56
CA GLN A 385 -0.42 30.76 1.42
C GLN A 385 -0.62 30.21 0.02
N SER A 386 -1.03 28.94 -0.08
CA SER A 386 -1.32 28.35 -1.38
C SER A 386 -2.59 28.99 -1.96
N HIS A 387 -2.77 28.85 -3.27
CA HIS A 387 -3.96 29.47 -3.90
C HIS A 387 -5.28 28.96 -3.28
N SER A 388 -5.30 27.73 -2.72
CA SER A 388 -6.49 27.18 -2.07
C SER A 388 -6.89 27.93 -0.80
N GLY A 389 -6.01 28.79 -0.29
CA GLY A 389 -6.23 29.48 0.97
C GLY A 389 -5.55 28.85 2.18
N LEU A 390 -4.98 27.65 2.05
CA LEU A 390 -4.29 27.03 3.19
C LEU A 390 -2.84 27.53 3.28
N TRP A 391 -2.37 27.74 4.53
CA TRP A 391 -1.04 28.22 4.83
C TRP A 391 -0.09 27.08 5.15
N ASP A 392 1.12 27.18 4.62
CA ASP A 392 2.20 26.22 4.94
C ASP A 392 1.88 24.78 4.56
N LEU A 393 1.14 24.58 3.45
CA LEU A 393 1.09 23.25 2.85
C LEU A 393 2.47 22.83 2.45
N ARG A 394 3.25 23.78 1.89
CA ARG A 394 4.67 23.63 1.66
C ARG A 394 5.42 24.27 2.81
N GLY A 395 6.44 23.56 3.34
CA GLY A 395 7.31 24.21 4.35
C GLY A 395 6.75 24.14 5.77
N ASN A 396 7.56 24.73 6.64
CA ASN A 396 7.32 24.84 8.09
C ASN A 396 7.50 23.55 8.87
N VAL A 397 6.66 22.54 8.61
CA VAL A 397 6.97 21.18 9.09
C VAL A 397 6.27 20.29 8.06
N TRP A 398 6.79 19.08 7.88
CA TRP A 398 6.08 18.08 7.07
C TRP A 398 4.68 17.94 7.61
N GLU A 399 3.73 17.56 6.74
CA GLU A 399 2.44 17.22 7.36
C GLU A 399 2.03 15.78 7.10
N TRP A 400 1.63 15.11 8.19
CA TRP A 400 1.18 13.72 8.09
C TRP A 400 -0.09 13.62 7.24
N LEU A 401 -0.25 12.47 6.58
CA LEU A 401 -1.37 12.19 5.71
C LEU A 401 -1.92 10.81 6.07
N ASP A 402 -3.23 10.64 6.02
CA ASP A 402 -3.82 9.28 6.15
C ASP A 402 -3.71 8.57 4.81
N GLU A 403 -2.54 8.00 4.58
CA GLU A 403 -2.18 7.37 3.29
C GLU A 403 -1.07 6.37 3.54
N ASN A 404 -1.35 5.06 3.38
CA ASN A 404 -0.26 4.09 3.48
C ASN A 404 0.69 4.30 2.30
N PHE A 405 2.01 4.31 2.58
CA PHE A 405 2.98 4.47 1.49
C PHE A 405 2.82 3.34 0.48
N HIS A 406 2.74 3.74 -0.80
CA HIS A 406 2.39 2.81 -1.87
C HIS A 406 2.96 3.30 -3.19
N PRO A 407 3.18 2.42 -4.15
CA PRO A 407 3.69 2.87 -5.46
C PRO A 407 2.57 3.39 -6.34
N LEU A 408 2.96 4.29 -7.31
CA LEU A 408 2.02 4.76 -8.30
C LEU A 408 2.14 3.86 -9.51
N PRO A 409 1.12 3.76 -10.35
CA PRO A 409 1.27 2.93 -11.57
C PRO A 409 2.41 3.43 -12.44
N GLY A 410 3.28 2.48 -12.86
CA GLY A 410 4.45 2.86 -13.63
C GLY A 410 5.73 2.85 -12.82
N PHE A 411 5.61 2.69 -11.49
CA PHE A 411 6.75 2.53 -10.59
C PHE A 411 7.69 1.43 -11.10
N GLU A 412 9.00 1.70 -11.00
CA GLU A 412 10.13 0.78 -11.29
C GLU A 412 11.27 1.10 -10.35
N PRO A 413 11.83 0.13 -9.63
CA PRO A 413 13.09 0.42 -8.92
C PRO A 413 14.22 0.79 -9.86
N HIS A 414 15.13 1.62 -9.35
CA HIS A 414 16.30 2.01 -10.11
C HIS A 414 17.42 1.03 -9.80
N PHE A 415 18.19 0.69 -10.82
CA PHE A 415 19.28 -0.31 -10.64
C PHE A 415 20.27 0.16 -9.58
N LEU A 416 20.43 1.47 -9.44
CA LEU A 416 21.43 1.94 -8.48
C LEU A 416 21.04 1.70 -7.03
N TYR A 417 19.74 1.47 -6.75
CA TYR A 417 19.28 1.39 -5.38
C TYR A 417 17.94 0.66 -5.31
N GLU A 418 17.96 -0.64 -5.59
CA GLU A 418 16.71 -1.35 -5.85
C GLU A 418 15.79 -1.39 -4.62
N ASP A 419 16.36 -1.33 -3.43
N ASP A 419 16.35 -1.32 -3.43
CA ASP A 419 15.63 -1.43 -2.18
CA ASP A 419 15.57 -1.44 -2.19
C ASP A 419 15.23 -0.07 -1.60
C ASP A 419 15.21 -0.07 -1.60
N ASN A 420 15.30 1.01 -2.40
CA ASN A 420 14.98 2.34 -1.86
C ASN A 420 13.59 2.42 -1.22
N SER A 421 12.55 1.96 -1.93
CA SER A 421 11.21 2.17 -1.42
C SER A 421 10.38 0.88 -1.41
N ALA A 422 10.68 -0.08 -2.29
CA ALA A 422 9.85 -1.29 -2.40
C ALA A 422 9.66 -2.07 -1.11
N PRO A 423 10.64 -2.17 -0.20
CA PRO A 423 10.40 -2.89 1.07
C PRO A 423 9.36 -2.26 1.95
N PHE A 424 9.01 -1.00 1.72
CA PHE A 424 8.20 -0.26 2.67
C PHE A 424 6.78 -0.10 2.17
N PHE A 425 6.46 -0.73 1.04
CA PHE A 425 5.06 -0.82 0.60
C PHE A 425 4.38 -1.97 1.36
N ASP A 426 4.21 -1.77 2.68
CA ASP A 426 3.89 -2.86 3.58
C ASP A 426 2.70 -2.55 4.50
N ASN A 427 1.96 -1.43 4.28
CA ASN A 427 0.81 -0.98 5.08
C ASN A 427 1.20 -0.63 6.51
N ASN A 428 2.51 -0.43 6.75
CA ASN A 428 3.00 -0.09 8.09
C ASN A 428 3.69 1.26 8.10
N HIS A 429 3.63 2.02 7.02
CA HIS A 429 4.24 3.35 6.93
C HIS A 429 3.20 4.32 6.42
N LYS A 430 3.04 5.48 7.11
CA LYS A 430 2.16 6.55 6.67
C LYS A 430 3.00 7.61 5.93
N MET A 431 2.36 8.34 5.02
CA MET A 431 3.07 9.37 4.24
C MET A 431 3.06 10.73 4.94
N MET A 432 4.00 11.57 4.53
CA MET A 432 3.99 12.99 4.89
C MET A 432 4.54 13.78 3.74
N LEU A 433 4.04 15.01 3.55
CA LEU A 433 4.39 15.77 2.36
C LEU A 433 4.67 17.24 2.69
N GLY A 434 5.39 17.88 1.75
CA GLY A 434 5.44 19.33 1.67
C GLY A 434 6.77 19.95 2.11
N GLY A 435 7.56 19.19 2.86
CA GLY A 435 8.84 19.70 3.35
C GLY A 435 8.71 20.48 4.65
N ALA A 436 9.84 20.52 5.40
CA ALA A 436 10.02 21.28 6.65
C ALA A 436 11.04 22.40 6.45
N TRP A 437 11.21 23.21 7.54
CA TRP A 437 12.23 24.26 7.53
C TRP A 437 13.61 23.74 7.19
N VAL A 438 13.89 22.48 7.53
CA VAL A 438 15.22 21.88 7.42
C VAL A 438 15.41 21.21 6.05
N THR A 439 14.32 20.99 5.31
CA THR A 439 14.38 20.27 4.03
C THR A 439 15.10 21.06 2.93
N GLN A 440 15.96 20.37 2.19
CA GLN A 440 16.78 20.94 1.12
C GLN A 440 16.67 20.14 -0.18
N GLY A 441 17.21 20.70 -1.25
CA GLY A 441 17.36 19.89 -2.50
C GLY A 441 16.01 19.60 -3.17
N THR A 442 15.99 18.53 -3.99
CA THR A 442 14.74 18.22 -4.72
C THR A 442 13.64 17.77 -3.79
N GLU A 443 13.98 17.47 -2.52
CA GLU A 443 12.99 17.13 -1.52
C GLU A 443 12.09 18.31 -1.14
N THR A 444 12.45 19.54 -1.54
CA THR A 444 11.59 20.68 -1.31
C THR A 444 10.56 20.86 -2.41
N LEU A 445 10.64 20.10 -3.53
CA LEU A 445 9.81 20.32 -4.70
C LEU A 445 8.64 19.33 -4.75
N LYS A 446 7.82 19.48 -5.82
CA LYS A 446 6.49 18.86 -5.87
C LYS A 446 6.48 17.31 -5.83
N TYR A 447 7.52 16.68 -6.31
CA TYR A 447 7.41 15.25 -6.62
C TYR A 447 7.87 14.32 -5.49
N TYR A 448 8.70 14.86 -4.59
CA TYR A 448 9.27 14.00 -3.51
C TYR A 448 8.15 13.39 -2.66
N ARG A 449 8.26 12.08 -2.38
CA ARG A 449 7.26 11.42 -1.49
C ARG A 449 7.98 10.96 -0.22
N ASN A 450 7.45 11.33 0.95
CA ASN A 450 8.09 10.96 2.24
C ASN A 450 7.20 9.95 2.97
N TRP A 451 7.80 9.13 3.86
CA TRP A 451 7.04 8.10 4.57
C TRP A 451 7.78 7.69 5.85
N PHE A 452 7.03 7.37 6.92
CA PHE A 452 7.58 6.91 8.20
C PHE A 452 6.60 5.97 8.92
N ARG A 453 7.14 5.10 9.76
CA ARG A 453 6.26 4.37 10.67
C ARG A 453 5.50 5.38 11.54
N PRO A 454 4.24 5.09 11.91
CA PRO A 454 3.41 6.13 12.56
C PRO A 454 3.84 6.52 13.94
N ASN A 455 4.70 5.75 14.61
CA ASN A 455 5.19 6.17 15.92
C ASN A 455 6.41 7.08 15.82
N PHE A 456 7.00 7.24 14.61
CA PHE A 456 8.31 7.94 14.48
C PHE A 456 8.18 9.44 14.57
N TYR A 457 9.19 10.10 15.15
CA TYR A 457 9.21 11.57 15.22
C TYR A 457 10.08 12.17 14.13
N GLN A 458 9.54 13.18 13.45
CA GLN A 458 10.24 13.98 12.45
C GLN A 458 9.90 15.44 12.77
N HIS A 459 10.46 16.35 11.98
CA HIS A 459 10.04 17.75 12.05
C HIS A 459 8.70 17.84 11.29
N ALA A 460 7.63 17.41 11.95
CA ALA A 460 6.39 17.02 11.29
C ALA A 460 5.20 17.30 12.20
N GLY A 461 4.15 17.86 11.59
CA GLY A 461 2.90 18.24 12.21
C GLY A 461 1.73 17.83 11.34
N PHE A 462 0.61 18.55 11.40
CA PHE A 462 -0.59 18.09 10.70
C PHE A 462 -1.59 19.23 10.70
N ARG A 463 -2.59 19.11 9.80
CA ARG A 463 -3.79 19.95 9.85
C ARG A 463 -5.00 19.03 9.84
N ILE A 464 -6.18 19.57 10.16
CA ILE A 464 -7.36 18.71 10.29
C ILE A 464 -8.31 18.91 9.13
N VAL A 465 -9.09 17.84 8.84
CA VAL A 465 -10.01 17.80 7.70
C VAL A 465 -11.37 17.34 8.21
N THR A 466 -12.44 17.86 7.60
CA THR A 466 -13.78 17.26 7.70
C THR A 466 -14.40 17.17 6.32
N ASN A 467 -15.22 16.15 6.12
CA ASN A 467 -15.92 16.04 4.83
C ASN A 467 -16.96 17.16 4.66
N HIS A 468 -17.70 17.48 5.72
CA HIS A 468 -18.76 18.49 5.64
C HIS A 468 -18.80 19.41 6.87
N SER B 22 -24.86 -36.34 -15.36
CA SER B 22 -24.11 -35.97 -14.13
C SER B 22 -23.32 -34.68 -14.30
N PHE B 23 -22.86 -34.09 -13.19
CA PHE B 23 -22.04 -32.85 -13.26
C PHE B 23 -20.54 -33.22 -13.33
N ILE B 24 -19.84 -32.60 -14.27
CA ILE B 24 -18.45 -32.99 -14.51
C ILE B 24 -17.58 -32.59 -13.33
N LYS B 25 -16.58 -33.41 -13.05
CA LYS B 25 -15.65 -33.11 -11.98
C LYS B 25 -14.67 -32.05 -12.50
N SER B 26 -14.30 -31.12 -11.61
CA SER B 26 -13.29 -30.14 -11.94
C SER B 26 -11.93 -30.73 -11.60
N GLN B 27 -11.02 -30.75 -12.59
CA GLN B 27 -9.67 -31.29 -12.38
C GLN B 27 -8.81 -30.33 -11.57
N LEU B 28 -7.99 -30.91 -10.70
CA LEU B 28 -7.06 -30.16 -9.86
C LEU B 28 -5.92 -29.60 -10.72
N PRO B 29 -5.28 -28.51 -10.27
CA PRO B 29 -4.15 -27.94 -11.02
C PRO B 29 -2.98 -28.92 -10.99
N ILE B 30 -1.97 -28.67 -11.81
CA ILE B 30 -0.85 -29.60 -11.98
C ILE B 30 0.43 -28.87 -11.68
N PHE B 31 1.42 -29.59 -11.17
CA PHE B 31 2.76 -29.01 -10.93
C PHE B 31 3.48 -28.84 -12.27
N LEU B 32 4.26 -27.78 -12.38
CA LEU B 32 4.91 -27.44 -13.67
C LEU B 32 6.20 -28.23 -13.87
N ASN B 33 6.58 -29.04 -12.89
CA ASN B 33 7.79 -29.87 -13.04
C ASN B 33 7.42 -31.32 -13.28
N ASN B 34 6.14 -31.64 -13.46
CA ASN B 34 5.80 -33.09 -13.57
C ASN B 34 4.66 -33.29 -14.57
N CYS B 35 4.16 -32.22 -15.16
CA CYS B 35 2.99 -32.40 -16.04
C CYS B 35 3.40 -32.96 -17.41
N THR B 36 2.44 -33.54 -18.12
CA THR B 36 2.65 -34.07 -19.45
C THR B 36 1.77 -33.29 -20.42
N GLN B 37 2.08 -33.42 -21.70
CA GLN B 37 1.19 -32.89 -22.71
C GLN B 37 -0.24 -33.42 -22.49
N ASP B 38 -0.38 -34.69 -22.12
CA ASP B 38 -1.72 -35.25 -21.89
C ASP B 38 -2.40 -34.64 -20.67
N SER B 39 -1.67 -34.50 -19.54
CA SER B 39 -2.32 -33.90 -18.38
C SER B 39 -2.73 -32.46 -18.68
N VAL B 40 -1.91 -31.71 -19.44
CA VAL B 40 -2.24 -30.32 -19.76
C VAL B 40 -3.42 -30.27 -20.71
N ILE B 41 -3.45 -31.14 -21.73
CA ILE B 41 -4.61 -31.13 -22.62
C ILE B 41 -5.88 -31.42 -21.84
N ASN B 42 -5.83 -32.37 -20.91
CA ASN B 42 -7.03 -32.69 -20.13
C ASN B 42 -7.43 -31.50 -19.26
N TYR B 43 -6.46 -30.80 -18.65
CA TYR B 43 -6.79 -29.65 -17.80
C TYR B 43 -7.38 -28.49 -18.60
N PHE B 44 -6.84 -28.24 -19.80
CA PHE B 44 -7.37 -27.25 -20.73
C PHE B 44 -8.79 -27.57 -21.14
N GLN B 45 -9.02 -28.81 -21.61
CA GLN B 45 -10.36 -29.24 -21.98
C GLN B 45 -11.34 -29.08 -20.82
N ASN B 46 -10.92 -29.43 -19.61
CA ASN B 46 -11.81 -29.36 -18.46
C ASN B 46 -12.13 -27.89 -18.13
N SER B 47 -11.13 -27.01 -18.26
CA SER B 47 -11.36 -25.58 -17.97
C SER B 47 -12.42 -25.01 -18.89
N TRP B 48 -12.31 -25.34 -20.18
CA TRP B 48 -13.18 -24.81 -21.20
C TRP B 48 -14.57 -25.41 -21.12
N GLU B 49 -14.68 -26.76 -20.90
CA GLU B 49 -15.95 -27.42 -20.69
C GLU B 49 -16.73 -26.78 -19.55
N LEU B 50 -16.04 -26.51 -18.42
CA LEU B 50 -16.73 -25.95 -17.26
C LEU B 50 -17.27 -24.56 -17.55
N GLU B 51 -16.47 -23.69 -18.19
CA GLU B 51 -16.98 -22.37 -18.55
C GLU B 51 -18.15 -22.47 -19.54
N ASN B 52 -18.10 -23.44 -20.46
CA ASN B 52 -19.24 -23.60 -21.38
C ASN B 52 -20.50 -23.99 -20.64
N ILE B 53 -20.40 -24.92 -19.67
CA ILE B 53 -21.58 -25.31 -18.90
C ILE B 53 -22.21 -24.10 -18.23
N LEU B 54 -21.39 -23.25 -17.59
CA LEU B 54 -21.94 -22.07 -16.94
C LEU B 54 -22.63 -21.15 -17.93
N MET B 55 -22.00 -20.92 -19.08
CA MET B 55 -22.58 -20.02 -20.09
C MET B 55 -23.85 -20.60 -20.70
N ARG B 56 -23.95 -21.93 -20.84
CA ARG B 56 -25.15 -22.57 -21.37
C ARG B 56 -26.31 -22.54 -20.39
N SER B 57 -26.10 -22.13 -19.15
CA SER B 57 -27.20 -21.97 -18.22
CA SER B 57 -27.21 -21.97 -18.22
C SER B 57 -28.07 -20.75 -18.53
N ILE B 58 -27.61 -19.82 -19.37
CA ILE B 58 -28.41 -18.66 -19.74
C ILE B 58 -29.42 -19.11 -20.80
N ILE B 59 -30.72 -18.95 -20.50
CA ILE B 59 -31.79 -19.57 -21.31
C ILE B 59 -32.01 -18.83 -22.65
N ASP B 60 -32.12 -17.50 -22.61
CA ASP B 60 -32.45 -16.64 -23.76
C ASP B 60 -31.22 -15.88 -24.24
N ASP B 61 -31.08 -15.76 -25.57
CA ASP B 61 -29.94 -15.04 -26.13
C ASP B 61 -29.94 -13.56 -25.75
N GLU B 62 -31.14 -12.95 -25.59
CA GLU B 62 -31.20 -11.52 -25.25
C GLU B 62 -30.56 -11.23 -23.90
N THR B 63 -30.61 -12.20 -22.99
CA THR B 63 -30.00 -12.02 -21.68
C THR B 63 -28.48 -11.75 -21.76
N PHE B 64 -27.81 -12.16 -22.83
CA PHE B 64 -26.37 -11.88 -22.93
C PHE B 64 -26.08 -10.40 -23.06
N TYR B 65 -27.08 -9.57 -23.35
CA TYR B 65 -26.85 -8.13 -23.45
C TYR B 65 -27.16 -7.37 -22.15
N ILE B 66 -27.62 -8.08 -21.09
CA ILE B 66 -27.82 -7.50 -19.76
C ILE B 66 -26.46 -7.46 -19.04
N ASN B 67 -26.20 -6.41 -18.25
CA ASN B 67 -25.06 -6.44 -17.33
C ASN B 67 -25.61 -6.52 -15.91
N PRO B 68 -25.84 -7.76 -15.39
CA PRO B 68 -26.55 -7.92 -14.12
C PRO B 68 -25.79 -7.25 -12.97
N ASP B 69 -24.46 -7.18 -13.06
CA ASP B 69 -23.70 -6.42 -12.03
C ASP B 69 -23.41 -5.05 -12.64
N PRO B 70 -23.92 -3.95 -12.06
CA PRO B 70 -23.75 -2.62 -12.65
C PRO B 70 -22.31 -2.11 -12.73
N LEU B 71 -21.39 -2.82 -12.08
CA LEU B 71 -19.96 -2.42 -12.07
C LEU B 71 -19.15 -3.30 -13.04
N ARG B 72 -19.83 -4.16 -13.82
CA ARG B 72 -19.13 -5.06 -14.74
C ARG B 72 -19.84 -5.04 -16.08
N ASN B 73 -19.14 -5.54 -17.12
CA ASN B 73 -19.62 -5.57 -18.51
C ASN B 73 -20.82 -6.51 -18.70
N PRO B 74 -21.54 -6.39 -19.82
CA PRO B 74 -22.62 -7.35 -20.11
C PRO B 74 -22.09 -8.77 -20.35
N LEU B 75 -22.99 -9.74 -20.21
CA LEU B 75 -22.60 -11.14 -20.29
C LEU B 75 -21.97 -11.51 -21.63
N ILE B 76 -22.42 -10.90 -22.74
CA ILE B 76 -21.83 -11.24 -24.04
C ILE B 76 -20.31 -11.01 -24.02
N PHE B 77 -19.84 -10.01 -23.27
CA PHE B 77 -18.40 -9.76 -23.21
C PHE B 77 -17.70 -10.94 -22.55
N TYR B 78 -18.28 -11.45 -21.45
CA TYR B 78 -17.66 -12.56 -20.73
C TYR B 78 -17.74 -13.87 -21.52
N LEU B 79 -18.68 -14.01 -22.48
CA LEU B 79 -18.67 -15.19 -23.33
C LEU B 79 -17.44 -15.21 -24.24
N GLY B 80 -16.95 -14.04 -24.68
CA GLY B 80 -15.80 -14.05 -25.58
C GLY B 80 -14.45 -13.76 -24.95
N HIS B 81 -14.48 -13.13 -23.75
CA HIS B 81 -13.26 -12.62 -23.11
C HIS B 81 -12.25 -13.73 -22.79
N SER B 82 -12.69 -14.91 -22.24
CA SER B 82 -11.66 -15.89 -21.90
C SER B 82 -10.99 -16.47 -23.14
N ALA B 83 -11.77 -16.69 -24.21
CA ALA B 83 -11.18 -17.16 -25.47
C ALA B 83 -10.17 -16.14 -26.03
N ALA B 84 -10.60 -14.88 -26.13
CA ALA B 84 -9.73 -13.86 -26.71
C ALA B 84 -8.44 -13.71 -25.90
N PHE B 85 -8.53 -13.79 -24.57
CA PHE B 85 -7.35 -13.71 -23.70
C PHE B 85 -6.32 -14.77 -24.07
N TYR B 86 -6.75 -16.04 -24.27
CA TYR B 86 -5.79 -17.06 -24.68
C TYR B 86 -5.07 -16.64 -25.97
N ILE B 87 -5.86 -16.17 -26.95
CA ILE B 87 -5.32 -15.89 -28.29
C ILE B 87 -4.36 -14.73 -28.23
N ASN B 88 -4.74 -13.66 -27.52
CA ASN B 88 -3.81 -12.54 -27.38
C ASN B 88 -2.50 -12.95 -26.72
N LYS B 89 -2.54 -13.76 -25.66
CA LYS B 89 -1.26 -14.07 -25.03
C LYS B 89 -0.44 -15.02 -25.87
N LEU B 90 -1.08 -15.96 -26.57
CA LEU B 90 -0.33 -16.91 -27.38
C LEU B 90 0.34 -16.20 -28.56
N ILE B 91 -0.30 -15.18 -29.12
CA ILE B 91 0.35 -14.40 -30.18
C ILE B 91 1.58 -13.70 -29.61
N ARG B 92 1.42 -13.04 -28.46
CA ARG B 92 2.53 -12.37 -27.81
C ARG B 92 3.80 -13.21 -27.71
N VAL B 93 3.69 -14.48 -27.32
CA VAL B 93 4.88 -15.33 -27.16
C VAL B 93 5.16 -16.11 -28.44
N GLU B 94 4.47 -15.76 -29.52
CA GLU B 94 4.72 -16.31 -30.87
C GLU B 94 4.44 -17.81 -30.94
N LEU B 95 3.49 -18.27 -30.14
CA LEU B 95 3.05 -19.67 -30.27
C LEU B 95 1.96 -19.67 -31.34
N LEU B 96 1.42 -18.50 -31.64
CA LEU B 96 0.45 -18.37 -32.73
C LEU B 96 1.00 -17.27 -33.63
N GLU B 97 0.80 -17.41 -34.94
CA GLU B 97 1.28 -16.36 -35.88
C GLU B 97 0.14 -15.36 -36.08
N LYS B 98 -1.10 -15.86 -36.13
CA LYS B 98 -2.24 -14.99 -36.39
C LYS B 98 -3.36 -15.29 -35.39
N GLY B 99 -4.26 -14.33 -35.23
CA GLY B 99 -5.50 -14.54 -34.48
C GLY B 99 -6.59 -15.12 -35.35
N ILE B 100 -7.80 -15.15 -34.78
CA ILE B 100 -8.99 -15.61 -35.47
C ILE B 100 -9.84 -14.47 -36.00
N ASN B 101 -10.01 -13.42 -35.20
CA ASN B 101 -10.82 -12.27 -35.59
C ASN B 101 -10.19 -11.07 -34.89
N SER B 102 -9.43 -10.25 -35.64
CA SER B 102 -8.71 -9.14 -35.02
C SER B 102 -9.65 -8.16 -34.33
N ASP B 103 -10.81 -7.86 -34.95
CA ASP B 103 -11.80 -7.01 -34.28
C ASP B 103 -12.21 -7.57 -32.92
N TYR B 104 -12.43 -8.88 -32.85
CA TYR B 104 -12.91 -9.45 -31.60
C TYR B 104 -11.81 -9.49 -30.55
N GLU B 105 -10.56 -9.71 -30.96
CA GLU B 105 -9.47 -9.77 -30.01
C GLU B 105 -9.25 -8.42 -29.32
N ILE B 106 -9.66 -7.32 -29.97
CA ILE B 106 -9.68 -6.01 -29.34
C ILE B 106 -10.96 -5.79 -28.55
N LEU B 107 -12.11 -6.12 -29.10
CA LEU B 107 -13.34 -5.86 -28.37
C LEU B 107 -13.37 -6.59 -27.02
N PHE B 108 -12.91 -7.84 -27.00
CA PHE B 108 -13.02 -8.69 -25.82
C PHE B 108 -11.78 -8.67 -24.94
N GLU B 109 -10.87 -7.69 -25.13
CA GLU B 109 -9.57 -7.76 -24.48
C GLU B 109 -9.54 -7.18 -23.06
N ASN B 116 -17.46 3.60 -10.31
CA ASN B 116 -18.92 3.53 -10.04
C ASN B 116 -19.67 3.10 -11.30
N ALA B 117 -20.97 2.90 -11.21
CA ALA B 117 -21.81 2.41 -12.33
C ALA B 117 -21.73 3.41 -13.48
N GLU B 118 -21.69 4.70 -13.17
CA GLU B 118 -21.63 5.75 -14.22
C GLU B 118 -20.42 5.54 -15.13
N ASN B 121 -20.83 2.75 -17.46
CA ASN B 121 -22.01 2.78 -18.35
C ASN B 121 -21.72 3.74 -19.50
N GLN B 122 -20.87 4.73 -19.26
CA GLN B 122 -20.49 5.68 -20.33
C GLN B 122 -19.32 5.04 -21.10
N ALA B 123 -18.40 4.42 -20.39
C ALA B 123 -17.72 2.06 -22.49
N ILE B 124 -19.01 1.86 -22.27
CA ILE B 124 -19.77 0.79 -22.92
C ILE B 124 -20.95 1.32 -23.73
N ALA B 125 -21.17 2.65 -23.72
CA ALA B 125 -22.41 3.21 -24.24
C ALA B 125 -22.51 3.08 -25.76
N HIS B 126 -21.39 3.18 -26.47
CA HIS B 126 -21.40 3.17 -27.92
C HIS B 126 -20.86 1.87 -28.52
N ILE B 127 -20.80 0.79 -27.74
CA ILE B 127 -20.22 -0.47 -28.23
C ILE B 127 -21.29 -1.24 -28.99
N ASN B 128 -20.93 -1.73 -30.18
CA ASN B 128 -21.76 -2.66 -30.95
C ASN B 128 -21.25 -4.09 -30.71
N TRP B 129 -21.96 -4.85 -29.86
CA TRP B 129 -21.60 -6.23 -29.54
C TRP B 129 -22.03 -7.20 -30.67
N PRO B 130 -21.23 -8.23 -30.96
CA PRO B 130 -21.66 -9.27 -31.91
C PRO B 130 -22.85 -10.07 -31.39
N ASP B 131 -23.45 -10.83 -32.30
CA ASP B 131 -24.51 -11.77 -31.96
C ASP B 131 -23.97 -12.95 -31.13
N VAL B 132 -24.86 -13.58 -30.36
CA VAL B 132 -24.45 -14.71 -29.51
C VAL B 132 -23.86 -15.83 -30.35
N ARG B 133 -24.55 -16.18 -31.46
CA ARG B 133 -24.05 -17.25 -32.34
C ARG B 133 -22.66 -16.94 -32.87
N GLN B 134 -22.37 -15.67 -33.20
CA GLN B 134 -21.04 -15.28 -33.65
C GLN B 134 -19.97 -15.44 -32.56
N VAL B 135 -20.32 -15.21 -31.28
CA VAL B 135 -19.32 -15.36 -30.24
C VAL B 135 -19.11 -16.84 -29.96
N TRP B 136 -20.17 -17.65 -30.03
CA TRP B 136 -19.94 -19.09 -29.90
C TRP B 136 -19.01 -19.61 -30.99
N ASP B 137 -19.23 -19.15 -32.24
CA ASP B 137 -18.35 -19.56 -33.34
CA ASP B 137 -18.35 -19.56 -33.34
C ASP B 137 -16.92 -19.12 -33.10
N TYR B 138 -16.73 -17.93 -32.57
CA TYR B 138 -15.37 -17.51 -32.26
C TYR B 138 -14.77 -18.40 -31.17
N ARG B 139 -15.53 -18.68 -30.07
CA ARG B 139 -15.04 -19.61 -29.04
C ARG B 139 -14.64 -20.94 -29.64
N ASN B 140 -15.52 -21.53 -30.49
CA ASN B 140 -15.20 -22.83 -31.09
C ASN B 140 -13.93 -22.80 -31.92
N LYS B 141 -13.73 -21.72 -32.72
CA LYS B 141 -12.52 -21.62 -33.54
C LYS B 141 -11.28 -21.43 -32.67
N ALA B 142 -11.37 -20.60 -31.62
CA ALA B 142 -10.26 -20.46 -30.70
C ALA B 142 -9.90 -21.78 -30.02
N TYR B 143 -10.93 -22.53 -29.57
CA TYR B 143 -10.68 -23.83 -28.92
C TYR B 143 -9.83 -24.71 -29.83
N GLU B 144 -10.24 -24.81 -31.10
CA GLU B 144 -9.54 -25.71 -32.01
C GLU B 144 -8.11 -25.23 -32.26
N VAL B 145 -7.94 -23.92 -32.45
CA VAL B 145 -6.60 -23.34 -32.66
C VAL B 145 -5.68 -23.58 -31.46
N ILE B 146 -6.17 -23.36 -30.22
CA ILE B 146 -5.30 -23.51 -29.05
C ILE B 146 -4.96 -24.98 -28.84
N LEU B 147 -5.93 -25.85 -29.07
CA LEU B 147 -5.68 -27.30 -28.94
C LEU B 147 -4.56 -27.76 -29.89
N GLU B 148 -4.54 -27.22 -31.11
CA GLU B 148 -3.46 -27.54 -32.04
C GLU B 148 -2.10 -27.08 -31.53
N VAL B 149 -2.03 -25.88 -30.91
CA VAL B 149 -0.76 -25.41 -30.31
C VAL B 149 -0.26 -26.40 -29.28
N ILE B 150 -1.15 -26.86 -28.40
CA ILE B 150 -0.75 -27.78 -27.34
C ILE B 150 -0.22 -29.08 -27.94
N LYS B 151 -0.97 -29.67 -28.89
CA LYS B 151 -0.55 -30.94 -29.47
C LYS B 151 0.76 -30.82 -30.23
N ASN B 152 1.09 -29.64 -30.73
CA ASN B 152 2.26 -29.44 -31.56
C ASN B 152 3.42 -28.83 -30.81
N THR B 153 3.26 -28.69 -29.49
CA THR B 153 4.31 -28.09 -28.65
C THR B 153 4.85 -29.15 -27.68
N THR B 154 6.18 -29.22 -27.56
CA THR B 154 6.81 -30.15 -26.60
C THR B 154 6.74 -29.57 -25.18
N PHE B 155 6.39 -30.39 -24.20
CA PHE B 155 6.28 -29.91 -22.81
C PHE B 155 7.63 -30.17 -22.12
N ASP B 156 8.64 -29.36 -22.49
CA ASP B 156 9.99 -29.46 -21.88
C ASP B 156 9.88 -29.01 -20.41
N LEU B 157 10.07 -29.93 -19.48
CA LEU B 157 9.85 -29.60 -18.05
C LEU B 157 11.16 -29.05 -17.48
N PRO B 158 11.14 -28.10 -16.50
CA PRO B 158 9.91 -27.49 -15.99
C PRO B 158 9.48 -26.28 -16.82
N ILE B 159 8.18 -25.95 -16.81
CA ILE B 159 7.71 -24.71 -17.42
C ILE B 159 7.98 -23.57 -16.44
N HIS B 160 8.56 -22.48 -16.93
CA HIS B 160 8.97 -21.32 -16.13
C HIS B 160 8.34 -20.07 -16.73
N ALA B 161 8.38 -18.97 -15.98
CA ALA B 161 7.68 -17.76 -16.42
C ALA B 161 8.31 -17.11 -17.66
N SER B 162 9.54 -17.49 -18.03
CA SER B 162 10.14 -16.93 -19.28
C SER B 162 9.81 -17.82 -20.48
N HIS B 163 9.15 -18.93 -20.24
CA HIS B 163 8.85 -19.91 -21.32
C HIS B 163 7.52 -19.55 -21.98
N PRO B 164 7.42 -19.70 -23.31
CA PRO B 164 6.21 -19.35 -24.02
C PRO B 164 4.97 -20.05 -23.44
N LEU B 165 5.13 -21.28 -22.92
CA LEU B 165 3.94 -21.97 -22.43
C LEU B 165 3.40 -21.32 -21.14
N TRP B 166 4.14 -20.43 -20.52
CA TRP B 166 3.51 -19.64 -19.45
C TRP B 166 2.26 -18.96 -19.94
N ALA B 167 2.23 -18.50 -21.20
CA ALA B 167 1.02 -17.88 -21.73
C ALA B 167 -0.15 -18.83 -21.64
N LEU B 168 0.07 -20.12 -21.92
CA LEU B 168 -1.02 -21.08 -21.85
C LEU B 168 -1.46 -21.26 -20.39
N MET B 169 -0.50 -21.41 -19.48
CA MET B 169 -0.84 -21.59 -18.05
C MET B 169 -1.66 -20.39 -17.54
N MET B 170 -1.23 -19.18 -17.91
CA MET B 170 -1.96 -17.96 -17.59
C MET B 170 -3.37 -17.97 -18.16
N GLY B 171 -3.51 -18.33 -19.45
CA GLY B 171 -4.85 -18.36 -20.03
C GLY B 171 -5.80 -19.30 -19.33
N MET B 172 -5.31 -20.47 -18.89
CA MET B 172 -6.16 -21.46 -18.23
C MET B 172 -6.60 -20.96 -16.86
N GLU B 173 -5.68 -20.36 -16.13
CA GLU B 173 -6.10 -19.83 -14.81
C GLU B 173 -6.99 -18.63 -14.97
N HIS B 174 -6.75 -17.79 -16.00
CA HIS B 174 -7.64 -16.68 -16.27
C HIS B 174 -9.06 -17.15 -16.56
N GLN B 175 -9.19 -18.26 -17.32
CA GLN B 175 -10.50 -18.82 -17.59
C GLN B 175 -11.17 -19.35 -16.32
N ARG B 176 -10.42 -20.06 -15.47
CA ARG B 176 -11.04 -20.57 -14.22
C ARG B 176 -11.47 -19.43 -13.29
N ILE B 177 -10.68 -18.33 -13.24
CA ILE B 177 -11.08 -17.15 -12.48
C ILE B 177 -12.37 -16.56 -13.02
N HIS B 178 -12.50 -16.50 -14.37
CA HIS B 178 -13.73 -15.98 -14.95
C HIS B 178 -14.91 -16.94 -14.81
N PHE B 179 -14.70 -18.25 -14.61
CA PHE B 179 -15.82 -19.08 -14.20
C PHE B 179 -16.36 -18.56 -12.87
N GLU B 180 -15.46 -18.24 -11.94
CA GLU B 180 -15.89 -17.76 -10.64
C GLU B 180 -16.53 -16.38 -10.74
N THR B 181 -15.90 -15.44 -11.47
CA THR B 181 -16.49 -14.10 -11.40
C THR B 181 -17.75 -14.02 -12.26
N SER B 182 -17.83 -14.83 -13.36
CA SER B 182 -19.09 -14.91 -14.11
C SER B 182 -20.19 -15.59 -13.30
N SER B 183 -19.85 -16.56 -12.43
CA SER B 183 -20.94 -17.12 -11.62
C SER B 183 -21.64 -16.04 -10.80
N MET B 184 -20.89 -15.00 -10.34
CA MET B 184 -21.52 -13.96 -9.53
C MET B 184 -22.45 -13.11 -10.37
N LEU B 185 -22.16 -12.97 -11.66
CA LEU B 185 -23.07 -12.23 -12.54
C LEU B 185 -24.36 -13.01 -12.80
N LEU B 186 -24.24 -14.34 -13.03
CA LEU B 186 -25.43 -15.15 -13.26
C LEU B 186 -26.33 -15.15 -12.00
N ARG B 187 -25.73 -15.14 -10.80
CA ARG B 187 -26.50 -15.11 -9.57
C ARG B 187 -27.32 -13.81 -9.45
N GLN B 188 -26.92 -12.77 -10.15
CA GLN B 188 -27.61 -11.49 -10.10
C GLN B 188 -28.69 -11.41 -11.18
N LEU B 189 -28.86 -12.44 -12.02
CA LEU B 189 -30.00 -12.47 -12.93
C LEU B 189 -31.18 -13.06 -12.20
N PRO B 190 -32.41 -12.73 -12.62
CA PRO B 190 -33.59 -13.40 -12.06
C PRO B 190 -33.52 -14.92 -12.25
N THR B 191 -34.05 -15.67 -11.28
CA THR B 191 -33.90 -17.13 -11.38
C THR B 191 -34.55 -17.67 -12.65
N GLU B 192 -35.61 -17.03 -13.15
CA GLU B 192 -36.33 -17.58 -14.30
C GLU B 192 -35.54 -17.38 -15.59
N LYS B 193 -34.41 -16.66 -15.56
CA LYS B 193 -33.59 -16.47 -16.73
C LYS B 193 -32.41 -17.45 -16.82
N VAL B 194 -32.19 -18.26 -15.77
CA VAL B 194 -31.12 -19.24 -15.80
C VAL B 194 -31.69 -20.62 -15.50
N GLU B 195 -30.98 -21.63 -15.99
CA GLU B 195 -31.36 -23.03 -15.81
C GLU B 195 -30.21 -23.74 -15.08
N LYS B 196 -30.51 -24.22 -13.86
CA LYS B 196 -29.55 -24.99 -13.09
C LYS B 196 -29.02 -26.15 -13.90
N PRO B 197 -27.69 -26.29 -14.05
CA PRO B 197 -27.14 -27.42 -14.80
C PRO B 197 -27.53 -28.75 -14.18
N GLN B 198 -27.70 -29.79 -15.03
CA GLN B 198 -27.95 -31.13 -14.53
C GLN B 198 -26.86 -31.57 -13.56
N GLY B 199 -27.27 -32.08 -12.40
CA GLY B 199 -26.35 -32.59 -11.41
C GLY B 199 -25.83 -31.55 -10.44
N TRP B 200 -26.16 -30.28 -10.66
CA TRP B 200 -25.69 -29.23 -9.72
C TRP B 200 -26.27 -29.49 -8.35
N GLN B 201 -25.43 -29.50 -7.30
CA GLN B 201 -25.94 -29.80 -5.96
C GLN B 201 -25.51 -28.71 -4.96
N TYR B 202 -26.48 -28.08 -4.28
CA TYR B 202 -26.17 -27.21 -3.16
C TYR B 202 -25.80 -28.06 -1.93
N ALA B 203 -25.06 -27.45 -1.01
CA ALA B 203 -24.76 -28.14 0.25
C ALA B 203 -26.03 -28.23 1.09
N PRO B 204 -26.04 -29.11 2.11
CA PRO B 204 -27.16 -29.17 3.02
C PRO B 204 -27.35 -27.81 3.67
N SER B 205 -28.60 -27.42 3.86
CA SER B 205 -28.92 -26.10 4.48
C SER B 205 -28.59 -26.15 5.97
N GLN B 206 -28.56 -27.34 6.55
CA GLN B 206 -28.20 -27.46 7.98
C GLN B 206 -27.25 -28.64 8.20
C THR B 211 -20.22 -21.65 18.43
N ASN B 212 -19.83 -20.38 18.51
CA ASN B 212 -18.67 -19.86 17.79
C ASN B 212 -17.63 -19.31 18.75
N LYS B 213 -16.86 -20.21 19.34
CA LYS B 213 -15.85 -19.89 20.34
C LYS B 213 -14.65 -19.17 19.73
N MET B 214 -14.00 -18.32 20.56
CA MET B 214 -12.75 -17.67 20.20
C MET B 214 -11.61 -18.60 20.58
N ILE B 215 -10.67 -18.79 19.66
CA ILE B 215 -9.54 -19.69 19.80
C ILE B 215 -8.24 -18.89 19.81
N LEU B 216 -7.32 -19.24 20.73
CA LEU B 216 -6.01 -18.62 20.74
C LEU B 216 -5.19 -19.17 19.58
N VAL B 217 -4.76 -18.28 18.70
CA VAL B 217 -3.80 -18.59 17.64
C VAL B 217 -2.42 -18.14 18.11
N GLU B 218 -1.52 -19.09 18.32
CA GLU B 218 -0.22 -18.75 18.90
C GLU B 218 0.65 -18.06 17.87
N GLY B 219 1.33 -17.01 18.31
CA GLY B 219 2.19 -16.25 17.44
C GLY B 219 3.34 -17.05 16.84
N GLY B 220 3.88 -16.48 15.79
CA GLY B 220 4.96 -17.10 15.05
C GLY B 220 5.43 -16.18 13.94
N THR B 221 6.55 -16.54 13.32
CA THR B 221 7.06 -15.78 12.18
C THR B 221 6.61 -16.46 10.90
N VAL B 222 5.88 -15.72 10.04
CA VAL B 222 5.36 -16.27 8.80
C VAL B 222 6.19 -15.79 7.63
N THR B 223 6.29 -16.63 6.60
CA THR B 223 6.89 -16.28 5.33
C THR B 223 5.78 -16.05 4.31
N LEU B 224 5.69 -14.83 3.77
CA LEU B 224 4.76 -14.49 2.69
C LEU B 224 5.49 -14.46 1.37
N GLY B 225 4.78 -14.83 0.30
CA GLY B 225 5.32 -14.73 -1.04
C GLY B 225 5.63 -16.10 -1.62
N LYS B 226 6.09 -16.06 -2.86
CA LYS B 226 6.33 -17.27 -3.61
C LYS B 226 7.70 -17.13 -4.25
N ALA B 227 8.52 -18.21 -4.20
CA ALA B 227 9.82 -18.19 -4.84
C ALA B 227 9.66 -18.23 -6.36
N LYS B 228 10.58 -17.56 -7.07
CA LYS B 228 10.51 -17.51 -8.54
C LYS B 228 10.44 -18.89 -9.17
N ASP B 229 11.18 -19.85 -8.64
CA ASP B 229 11.23 -21.19 -9.25
C ASP B 229 10.24 -22.16 -8.64
N ASN B 230 9.29 -21.70 -7.85
CA ASN B 230 8.27 -22.60 -7.33
C ASN B 230 7.52 -23.21 -8.51
N PRO B 231 7.34 -24.55 -8.55
CA PRO B 231 6.81 -25.24 -9.75
C PRO B 231 5.28 -25.28 -9.82
N LEU B 232 4.66 -24.12 -9.60
CA LEU B 232 3.23 -23.92 -9.75
C LEU B 232 3.08 -22.61 -10.49
N TYR B 233 2.16 -22.56 -11.43
CA TYR B 233 1.81 -21.28 -12.04
C TYR B 233 1.36 -20.31 -10.94
N GLY B 234 1.75 -19.03 -11.07
CA GLY B 234 1.14 -17.98 -10.27
C GLY B 234 1.19 -16.65 -10.98
N TRP B 235 0.36 -15.72 -10.48
CA TRP B 235 0.33 -14.36 -11.02
C TRP B 235 1.43 -13.50 -10.39
N ASP B 236 1.78 -12.41 -11.07
CA ASP B 236 2.92 -11.58 -10.63
C ASP B 236 2.83 -11.19 -9.15
N CYS B 237 1.66 -10.79 -8.68
CA CYS B 237 1.54 -10.27 -7.29
C CYS B 237 1.70 -11.35 -6.22
N GLU B 238 1.80 -12.59 -6.63
CA GLU B 238 2.02 -13.68 -5.65
C GLU B 238 3.50 -13.75 -5.29
N TYR B 239 4.35 -13.20 -6.15
CA TYR B 239 5.79 -13.41 -5.93
C TYR B 239 6.42 -12.34 -5.06
N GLY B 240 7.53 -12.73 -4.43
CA GLY B 240 8.32 -11.91 -3.52
C GLY B 240 8.54 -12.63 -2.21
N ASP B 241 9.02 -11.90 -1.21
CA ASP B 241 9.43 -12.55 0.03
C ASP B 241 9.31 -11.56 1.17
N ARG B 242 8.60 -11.96 2.22
CA ARG B 242 8.43 -11.09 3.38
C ARG B 242 8.28 -11.94 4.63
N LEU B 243 9.15 -11.68 5.62
CA LEU B 243 9.03 -12.35 6.90
C LEU B 243 8.26 -11.41 7.83
N VAL B 244 7.23 -11.94 8.49
CA VAL B 244 6.41 -11.15 9.39
C VAL B 244 6.34 -11.86 10.73
N LYS B 245 6.79 -11.18 11.79
CA LYS B 245 6.59 -11.70 13.15
C LYS B 245 5.17 -11.38 13.58
N VAL B 246 4.34 -12.39 13.77
CA VAL B 246 2.92 -12.21 14.09
C VAL B 246 2.69 -12.52 15.57
N ASP B 247 2.11 -11.57 16.30
CA ASP B 247 1.77 -11.84 17.70
C ASP B 247 0.56 -12.74 17.79
N SER B 248 0.48 -13.49 18.89
CA SER B 248 -0.71 -14.29 19.21
C SER B 248 -1.97 -13.43 19.19
N PHE B 249 -3.08 -14.02 18.73
CA PHE B 249 -4.38 -13.34 18.69
C PHE B 249 -5.50 -14.35 18.89
N PHE B 250 -6.72 -13.85 19.16
CA PHE B 250 -7.87 -14.72 19.28
C PHE B 250 -8.69 -14.65 17.99
N ALA B 251 -9.18 -15.81 17.55
CA ALA B 251 -9.98 -15.82 16.33
C ALA B 251 -11.18 -16.74 16.49
N SER B 252 -12.30 -16.35 15.90
CA SER B 252 -13.51 -17.17 15.96
C SER B 252 -13.31 -18.48 15.18
N GLN B 253 -13.69 -19.62 15.78
CA GLN B 253 -13.41 -20.91 15.13
C GLN B 253 -14.20 -21.05 13.83
N TYR B 254 -15.35 -20.41 13.71
CA TYR B 254 -16.15 -20.42 12.49
C TYR B 254 -16.22 -19.03 11.87
N LEU B 255 -16.38 -19.05 10.54
CA LEU B 255 -16.81 -17.85 9.82
C LEU B 255 -18.11 -17.36 10.45
N VAL B 256 -18.33 -16.05 10.45
CA VAL B 256 -19.63 -15.51 10.89
C VAL B 256 -20.74 -16.04 10.01
N THR B 257 -21.84 -16.52 10.62
CA THR B 257 -22.88 -17.23 9.91
C THR B 257 -24.04 -16.31 9.57
N ASN B 258 -24.93 -16.80 8.69
CA ASN B 258 -26.13 -16.03 8.36
C ASN B 258 -26.97 -15.76 9.63
N GLY B 259 -27.09 -16.78 10.48
CA GLY B 259 -27.81 -16.61 11.75
C GLY B 259 -27.21 -15.57 12.67
N GLU B 260 -25.87 -15.54 12.78
CA GLU B 260 -25.23 -14.50 13.58
C GLU B 260 -25.46 -13.12 12.96
N PHE B 261 -25.39 -13.02 11.64
CA PHE B 261 -25.54 -11.73 11.00
C PHE B 261 -26.98 -11.25 11.11
N LEU B 262 -27.93 -12.21 11.14
CA LEU B 262 -29.34 -11.84 11.31
C LEU B 262 -29.54 -11.15 12.67
N GLU B 263 -28.84 -11.61 13.70
CA GLU B 263 -28.91 -10.91 14.99
C GLU B 263 -28.44 -9.45 14.90
N PHE B 264 -27.36 -9.21 14.14
CA PHE B 264 -26.91 -7.85 13.90
C PHE B 264 -28.01 -7.02 13.23
N ILE B 265 -28.69 -7.58 12.24
CA ILE B 265 -29.75 -6.84 11.55
C ILE B 265 -30.88 -6.51 12.52
N ASN B 266 -31.28 -7.48 13.33
CA ASN B 266 -32.36 -7.34 14.30
C ASN B 266 -32.01 -6.38 15.43
N ARG B 267 -30.74 -6.16 15.72
CA ARG B 267 -30.35 -5.09 16.64
C ARG B 267 -29.99 -3.79 15.91
N LYS B 268 -30.63 -3.52 14.75
CA LYS B 268 -30.55 -2.26 13.99
C LYS B 268 -29.14 -2.00 13.47
N GLY B 269 -28.41 -3.07 13.16
CA GLY B 269 -27.08 -2.93 12.58
C GLY B 269 -26.97 -1.99 11.40
N TYR B 270 -27.92 -2.04 10.45
CA TYR B 270 -27.84 -1.20 9.27
C TYR B 270 -28.35 0.21 9.50
N GLU B 271 -29.04 0.48 10.62
CA GLU B 271 -29.60 1.78 10.86
C GLU B 271 -28.76 2.60 11.85
N THR B 272 -27.75 2.00 12.47
CA THR B 272 -26.98 2.66 13.54
C THR B 272 -25.65 3.17 12.97
N GLN B 273 -25.60 4.48 12.76
CA GLN B 273 -24.46 5.13 12.10
C GLN B 273 -23.13 4.87 12.81
N SER B 274 -23.16 4.71 14.15
CA SER B 274 -21.91 4.58 14.88
C SER B 274 -21.20 3.27 14.58
N TYR B 275 -21.90 2.27 14.03
CA TYR B 275 -21.19 1.03 13.70
C TYR B 275 -20.43 1.12 12.39
N TRP B 276 -20.72 2.12 11.56
CA TRP B 276 -20.18 2.32 10.21
C TRP B 276 -19.10 3.39 10.32
N ASN B 277 -18.57 3.82 9.18
CA ASN B 277 -17.71 4.99 9.13
C ASN B 277 -18.22 5.91 8.02
N GLU B 278 -17.64 7.12 7.92
CA GLU B 278 -18.11 8.10 6.95
C GLU B 278 -18.24 7.53 5.53
N LYS B 279 -17.19 6.86 5.02
CA LYS B 279 -17.26 6.34 3.65
C LYS B 279 -18.25 5.19 3.54
N SER B 280 -18.28 4.30 4.51
CA SER B 280 -19.12 3.13 4.33
C SER B 280 -20.59 3.50 4.56
N TRP B 281 -20.87 4.44 5.46
CA TRP B 281 -22.24 4.92 5.66
C TRP B 281 -22.77 5.65 4.42
N GLN B 282 -21.95 6.51 3.79
CA GLN B 282 -22.30 7.07 2.48
C GLN B 282 -22.66 5.99 1.47
N TRP B 283 -21.84 4.95 1.38
CA TRP B 283 -22.14 3.86 0.45
C TRP B 283 -23.49 3.23 0.79
N LYS B 284 -23.73 3.00 2.09
CA LYS B 284 -24.94 2.31 2.52
C LYS B 284 -26.18 3.15 2.23
N GLU B 285 -26.08 4.45 2.46
CA GLU B 285 -27.22 5.33 2.21
C GLU B 285 -27.43 5.54 0.71
N GLU B 286 -26.37 5.78 -0.05
CA GLU B 286 -26.52 5.96 -1.50
C GLU B 286 -27.16 4.75 -2.17
N ASN B 287 -26.90 3.54 -1.66
CA ASN B 287 -27.41 2.35 -2.30
C ASN B 287 -28.60 1.74 -1.57
N LYS B 288 -29.13 2.46 -0.55
CA LYS B 288 -30.37 2.08 0.13
C LYS B 288 -30.29 0.67 0.72
N VAL B 289 -29.13 0.31 1.23
CA VAL B 289 -28.90 -1.08 1.65
C VAL B 289 -29.52 -1.33 3.02
N LYS B 290 -30.27 -2.45 3.16
CA LYS B 290 -30.88 -2.84 4.43
C LYS B 290 -30.53 -4.28 4.86
N ASN B 291 -29.79 -5.03 4.01
CA ASN B 291 -29.48 -6.43 4.33
C ASN B 291 -28.44 -6.91 3.35
N PRO B 292 -27.88 -8.11 3.53
CA PRO B 292 -26.91 -8.64 2.56
C PRO B 292 -27.50 -8.77 1.18
N LYS B 293 -26.60 -8.71 0.17
CA LYS B 293 -27.03 -8.58 -1.22
C LYS B 293 -27.98 -9.71 -1.64
N PHE B 294 -27.73 -10.94 -1.16
CA PHE B 294 -28.52 -12.07 -1.67
C PHE B 294 -29.58 -12.54 -0.69
N TRP B 295 -29.99 -11.64 0.20
CA TRP B 295 -31.13 -11.88 1.09
C TRP B 295 -32.33 -11.09 0.59
N GLN B 296 -33.54 -11.64 0.82
CA GLN B 296 -34.77 -10.89 0.53
C GLN B 296 -35.75 -11.13 1.66
N PHE B 297 -36.30 -10.04 2.23
CA PHE B 297 -37.23 -10.14 3.37
C PHE B 297 -38.66 -10.46 2.88
N ASN B 298 -39.25 -11.53 3.43
CA ASN B 298 -40.63 -11.91 3.10
C ASN B 298 -41.23 -12.68 4.27
N ASN B 299 -42.47 -12.35 4.62
CA ASN B 299 -43.19 -13.14 5.63
C ASN B 299 -42.51 -13.10 6.99
N GLY B 300 -41.85 -11.98 7.31
CA GLY B 300 -41.15 -11.90 8.56
C GLY B 300 -39.84 -12.65 8.65
N LYS B 301 -39.34 -13.19 7.53
CA LYS B 301 -38.12 -13.95 7.53
C LYS B 301 -37.43 -13.74 6.19
N TYR B 302 -36.21 -14.26 6.05
CA TYR B 302 -35.40 -13.99 4.86
C TYR B 302 -35.33 -15.22 3.96
N SER B 303 -35.52 -15.01 2.65
CA SER B 303 -35.13 -15.96 1.64
C SER B 303 -33.71 -15.62 1.19
N TYR B 304 -33.04 -16.62 0.63
CA TYR B 304 -31.62 -16.51 0.24
C TYR B 304 -31.51 -16.89 -1.22
N ARG B 305 -30.75 -16.13 -1.99
CA ARG B 305 -30.49 -16.47 -3.40
C ARG B 305 -29.19 -17.29 -3.51
N ALA B 306 -29.34 -18.59 -3.77
CA ALA B 306 -28.24 -19.44 -4.21
C ALA B 306 -28.01 -19.17 -5.69
N MET B 307 -27.13 -19.95 -6.33
CA MET B 307 -26.81 -19.70 -7.74
C MET B 307 -28.04 -19.61 -8.62
N PHE B 308 -28.97 -20.58 -8.47
CA PHE B 308 -30.05 -20.75 -9.45
C PHE B 308 -31.43 -20.76 -8.82
N ASP B 309 -31.54 -20.63 -7.51
CA ASP B 309 -32.79 -20.77 -6.77
C ASP B 309 -32.81 -19.86 -5.55
N GLU B 310 -34.00 -19.45 -5.14
CA GLU B 310 -34.19 -18.88 -3.81
C GLU B 310 -34.63 -19.97 -2.84
N ILE B 311 -34.06 -19.98 -1.64
CA ILE B 311 -34.28 -21.01 -0.62
C ILE B 311 -34.42 -20.33 0.74
N PRO B 312 -35.01 -21.02 1.71
CA PRO B 312 -34.99 -20.48 3.09
C PRO B 312 -33.55 -20.18 3.53
N LEU B 313 -33.36 -19.08 4.27
CA LEU B 313 -32.01 -18.66 4.67
C LEU B 313 -31.31 -19.78 5.42
N PRO B 314 -30.20 -20.31 4.91
CA PRO B 314 -29.48 -21.34 5.67
C PRO B 314 -28.65 -20.72 6.78
N LEU B 315 -29.11 -20.92 8.04
CA LEU B 315 -28.61 -20.12 9.14
C LEU B 315 -27.19 -20.46 9.51
N ASP B 316 -26.73 -21.68 9.21
CA ASP B 316 -25.39 -22.04 9.59
C ASP B 316 -24.37 -21.90 8.45
N TRP B 317 -24.78 -21.47 7.25
CA TRP B 317 -23.80 -21.13 6.19
C TRP B 317 -23.12 -19.82 6.56
N PRO B 318 -21.91 -19.58 6.07
CA PRO B 318 -21.26 -18.28 6.32
C PRO B 318 -21.99 -17.17 5.60
N VAL B 319 -22.11 -16.02 6.27
CA VAL B 319 -22.76 -14.88 5.64
C VAL B 319 -21.87 -14.32 4.53
N GLU B 320 -22.51 -13.86 3.45
CA GLU B 320 -21.81 -13.28 2.30
C GLU B 320 -22.03 -11.78 2.32
N VAL B 321 -20.93 -11.01 2.46
CA VAL B 321 -20.97 -9.58 2.69
C VAL B 321 -19.83 -8.95 1.93
N ASN B 322 -19.96 -7.62 1.70
CA ASN B 322 -18.76 -6.89 1.26
C ASN B 322 -17.99 -6.45 2.51
N TYR B 323 -16.87 -5.72 2.29
CA TYR B 323 -15.97 -5.35 3.38
C TYR B 323 -16.64 -4.35 4.33
N TYR B 324 -17.41 -3.41 3.78
CA TYR B 324 -18.08 -2.41 4.60
C TYR B 324 -19.01 -3.08 5.62
N GLU B 325 -19.78 -4.08 5.15
CA GLU B 325 -20.72 -4.79 6.02
C GLU B 325 -19.97 -5.60 7.06
N ALA B 326 -18.86 -6.23 6.67
CA ALA B 326 -18.11 -6.98 7.66
C ALA B 326 -17.61 -6.06 8.77
N MET B 327 -17.14 -4.87 8.40
CA MET B 327 -16.66 -3.92 9.41
C MET B 327 -17.78 -3.32 10.23
N ALA B 328 -18.97 -3.14 9.64
CA ALA B 328 -20.08 -2.65 10.47
C ALA B 328 -20.49 -3.69 11.52
N TYR B 329 -20.46 -4.97 11.15
CA TYR B 329 -20.72 -6.03 12.12
C TYR B 329 -19.69 -5.98 13.25
N CYS B 330 -18.40 -5.80 12.91
CA CYS B 330 -17.41 -5.70 13.97
C CYS B 330 -17.69 -4.49 14.86
N GLY B 331 -18.16 -3.39 14.25
CA GLY B 331 -18.50 -2.19 15.01
C GLY B 331 -19.61 -2.47 16.02
N TRP B 332 -20.58 -3.27 15.62
CA TRP B 332 -21.66 -3.64 16.53
C TRP B 332 -21.16 -4.58 17.63
N LYS B 333 -20.29 -5.54 17.29
CA LYS B 333 -19.73 -6.42 18.33
C LYS B 333 -18.88 -5.61 19.31
N GLY B 334 -18.20 -4.59 18.84
CA GLY B 334 -17.37 -3.79 19.75
C GLY B 334 -16.27 -4.64 20.35
N LYS B 335 -15.81 -4.23 21.55
CA LYS B 335 -14.94 -5.05 22.39
C LYS B 335 -13.64 -5.45 21.69
N GLY B 336 -13.14 -4.57 20.80
CA GLY B 336 -11.88 -4.83 20.13
C GLY B 336 -11.95 -5.75 18.91
N THR B 337 -13.14 -6.09 18.43
CA THR B 337 -13.33 -6.97 17.29
CA THR B 337 -13.22 -7.01 17.31
C THR B 337 -12.80 -6.34 15.99
N ARG B 338 -12.14 -7.14 15.15
CA ARG B 338 -11.59 -6.64 13.90
C ARG B 338 -11.41 -7.84 12.96
N LEU B 339 -10.84 -7.59 11.79
CA LEU B 339 -10.48 -8.62 10.83
C LEU B 339 -8.98 -8.87 10.88
N MET B 340 -8.61 -10.08 10.45
CA MET B 340 -7.23 -10.44 10.32
C MET B 340 -6.48 -9.66 9.24
N SER B 341 -5.17 -9.52 9.47
CA SER B 341 -4.23 -9.14 8.40
C SER B 341 -3.88 -10.34 7.50
N GLU B 342 -3.25 -10.07 6.34
CA GLU B 342 -2.77 -11.19 5.51
C GLU B 342 -1.82 -12.12 6.30
N ALA B 343 -0.87 -11.54 7.03
CA ALA B 343 0.06 -12.38 7.78
C ALA B 343 -0.67 -13.22 8.84
N GLU B 344 -1.66 -12.62 9.51
CA GLU B 344 -2.43 -13.38 10.51
C GLU B 344 -3.21 -14.54 9.88
N TRP B 345 -3.88 -14.32 8.74
CA TRP B 345 -4.58 -15.44 8.08
C TRP B 345 -3.61 -16.55 7.69
N ASN B 346 -2.45 -16.17 7.12
CA ASN B 346 -1.44 -17.15 6.75
C ASN B 346 -0.94 -17.94 7.95
N LEU B 347 -0.67 -17.28 9.07
CA LEU B 347 -0.27 -18.00 10.27
C LEU B 347 -1.35 -19.01 10.70
N ALA B 348 -2.60 -18.57 10.76
CA ALA B 348 -3.68 -19.44 11.16
C ALA B 348 -3.88 -20.60 10.19
N ALA B 349 -3.71 -20.37 8.89
CA ALA B 349 -3.99 -21.43 7.92
C ALA B 349 -2.82 -22.38 7.64
N TYR B 350 -1.57 -21.87 7.60
CA TYR B 350 -0.42 -22.66 7.20
C TYR B 350 0.66 -22.76 8.27
N GLY B 351 0.55 -22.00 9.35
CA GLY B 351 1.56 -22.10 10.42
C GLY B 351 2.80 -21.26 10.14
N SER B 352 3.88 -21.59 10.85
CA SER B 352 5.10 -20.77 10.81
C SER B 352 6.32 -21.49 10.23
N ASN B 353 6.13 -22.43 9.30
CA ASN B 353 7.26 -23.09 8.61
C ASN B 353 7.94 -22.11 7.65
N ASP B 354 9.25 -22.26 7.46
CA ASP B 354 9.96 -21.40 6.47
C ASP B 354 10.11 -22.12 5.13
N ASN B 355 9.65 -23.38 5.02
CA ASN B 355 9.70 -24.13 3.73
C ASN B 355 8.48 -25.04 3.61
N TYR B 356 7.30 -24.44 3.63
CA TYR B 356 6.07 -25.21 3.52
C TYR B 356 5.90 -25.73 2.10
N GLN B 357 5.57 -27.03 1.95
CA GLN B 357 5.37 -27.63 0.63
C GLN B 357 3.89 -27.88 0.34
N VAL B 358 3.36 -27.23 -0.71
CA VAL B 358 1.97 -27.48 -1.11
C VAL B 358 1.74 -28.93 -1.53
N ASP B 359 0.63 -29.51 -1.07
CA ASP B 359 0.09 -30.80 -1.49
C ASP B 359 -1.23 -30.54 -2.21
N ILE B 360 -1.20 -30.58 -3.55
CA ILE B 360 -2.43 -30.22 -4.31
C ILE B 360 -3.63 -31.04 -3.87
N GLU B 361 -3.44 -32.30 -3.45
CA GLU B 361 -4.58 -33.14 -3.09
C GLU B 361 -5.31 -32.67 -1.82
N LYS B 362 -4.67 -31.84 -0.98
CA LYS B 362 -5.37 -31.32 0.20
C LYS B 362 -6.53 -30.40 -0.21
N VAL B 363 -6.60 -29.94 -1.47
CA VAL B 363 -7.78 -29.17 -1.92
C VAL B 363 -9.07 -29.97 -1.69
N ASN B 364 -9.01 -31.32 -1.81
CA ASN B 364 -10.20 -32.14 -1.60
C ASN B 364 -10.72 -32.10 -0.16
N ASP B 365 -9.94 -31.58 0.78
CA ASP B 365 -10.29 -31.56 2.21
C ASP B 365 -11.16 -30.39 2.58
N TYR B 366 -11.38 -29.45 1.67
CA TYR B 366 -12.10 -28.19 1.95
C TYR B 366 -13.22 -28.02 0.96
N ASN B 367 -14.15 -27.09 1.24
CA ASN B 367 -15.18 -26.75 0.27
C ASN B 367 -14.58 -25.81 -0.80
N LEU B 368 -13.86 -26.44 -1.74
CA LEU B 368 -13.17 -25.81 -2.84
C LEU B 368 -13.47 -26.60 -4.08
N ASN B 369 -13.25 -26.01 -5.25
CA ASN B 369 -13.18 -26.82 -6.47
C ASN B 369 -14.48 -27.58 -6.78
N LEU B 370 -15.61 -26.91 -6.53
CA LEU B 370 -16.95 -27.43 -6.82
C LEU B 370 -17.24 -28.73 -6.04
N LYS B 371 -16.64 -28.90 -4.88
CA LYS B 371 -17.08 -30.00 -4.00
C LYS B 371 -18.58 -29.90 -3.73
N PHE B 372 -19.05 -28.67 -3.49
CA PHE B 372 -20.46 -28.32 -3.46
C PHE B 372 -20.69 -27.18 -4.44
N GLY B 373 -21.96 -26.96 -4.76
CA GLY B 373 -22.36 -25.88 -5.64
C GLY B 373 -22.88 -24.68 -4.87
N SER B 374 -22.42 -24.51 -3.63
CA SER B 374 -22.86 -23.44 -2.74
C SER B 374 -21.92 -23.40 -1.53
N PRO B 375 -22.01 -22.37 -0.66
CA PRO B 375 -21.36 -22.44 0.65
C PRO B 375 -21.93 -23.63 1.42
N SER B 376 -21.25 -24.03 2.50
CA SER B 376 -21.64 -25.16 3.32
C SER B 376 -21.77 -24.71 4.79
N PRO B 377 -22.57 -25.41 5.59
CA PRO B 377 -22.63 -25.09 7.03
C PRO B 377 -21.23 -25.08 7.63
N VAL B 378 -20.93 -24.09 8.48
CA VAL B 378 -19.56 -24.02 8.99
C VAL B 378 -19.29 -25.29 9.79
N GLY B 379 -18.12 -25.90 9.54
CA GLY B 379 -17.72 -27.14 10.16
C GLY B 379 -18.33 -28.43 9.59
N LEU B 380 -19.20 -28.36 8.59
CA LEU B 380 -19.81 -29.58 8.06
C LEU B 380 -18.80 -30.42 7.32
N VAL B 381 -17.89 -29.77 6.60
CA VAL B 381 -16.81 -30.51 5.94
C VAL B 381 -15.80 -30.91 7.02
N LYS B 382 -15.79 -32.20 7.42
CA LYS B 382 -15.09 -32.54 8.67
C LYS B 382 -13.58 -32.54 8.54
N THR B 383 -13.03 -32.54 7.32
CA THR B 383 -11.61 -32.45 7.07
C THR B 383 -11.10 -31.00 6.95
N ALA B 384 -11.97 -30.00 7.13
CA ALA B 384 -11.64 -28.61 6.85
C ALA B 384 -11.21 -27.81 8.08
N GLN B 385 -10.71 -28.46 9.13
CA GLN B 385 -10.17 -27.75 10.28
C GLN B 385 -8.65 -27.60 10.14
N SER B 386 -8.16 -26.36 10.14
CA SER B 386 -6.74 -26.14 10.07
C SER B 386 -6.04 -26.52 11.38
N HIS B 387 -4.70 -26.61 11.32
CA HIS B 387 -3.96 -27.05 12.52
C HIS B 387 -4.16 -26.09 13.71
N SER B 388 -4.44 -24.81 13.43
CA SER B 388 -4.73 -23.86 14.50
C SER B 388 -6.07 -24.13 15.19
N GLY B 389 -6.92 -24.99 14.65
CA GLY B 389 -8.24 -25.23 15.20
C GLY B 389 -9.35 -24.44 14.56
N LEU B 390 -9.04 -23.50 13.66
CA LEU B 390 -10.10 -22.77 12.97
C LEU B 390 -10.68 -23.58 11.79
N TRP B 391 -11.99 -23.43 11.57
CA TRP B 391 -12.69 -24.15 10.50
C TRP B 391 -12.84 -23.27 9.26
N ASP B 392 -12.70 -23.88 8.09
CA ASP B 392 -12.96 -23.21 6.79
C ASP B 392 -12.11 -21.97 6.59
N LEU B 393 -10.85 -22.01 7.07
CA LEU B 393 -9.93 -20.93 6.66
C LEU B 393 -9.67 -21.03 5.16
N ARG B 394 -9.58 -22.25 4.68
CA ARG B 394 -9.56 -22.55 3.24
C ARG B 394 -10.94 -22.98 2.84
N GLY B 395 -11.44 -22.40 1.77
CA GLY B 395 -12.70 -22.88 1.18
C GLY B 395 -13.95 -22.30 1.84
N ASN B 396 -15.11 -22.78 1.36
CA ASN B 396 -16.46 -22.33 1.74
C ASN B 396 -16.85 -20.96 1.23
N VAL B 397 -16.13 -19.92 1.64
CA VAL B 397 -16.27 -18.60 1.00
C VAL B 397 -14.91 -17.94 1.23
N TRP B 398 -14.49 -17.04 0.28
CA TRP B 398 -13.30 -16.20 0.50
C TRP B 398 -13.48 -15.48 1.83
N GLU B 399 -12.38 -15.17 2.52
CA GLU B 399 -12.62 -14.31 3.69
C GLU B 399 -11.85 -13.01 3.57
N TRP B 400 -12.58 -11.93 3.80
CA TRP B 400 -12.03 -10.58 3.78
C TRP B 400 -10.98 -10.42 4.87
N LEU B 401 -9.98 -9.59 4.56
CA LEU B 401 -8.91 -9.25 5.49
C LEU B 401 -8.73 -7.75 5.52
N ASP B 402 -8.37 -7.24 6.71
CA ASP B 402 -8.03 -5.81 6.90
C ASP B 402 -6.58 -5.64 6.43
N GLU B 403 -6.43 -5.61 5.10
CA GLU B 403 -5.12 -5.52 4.46
C GLU B 403 -5.32 -4.85 3.11
N ASN B 404 -4.76 -3.65 2.94
CA ASN B 404 -4.81 -3.02 1.62
C ASN B 404 -3.94 -3.81 0.63
N PHE B 405 -4.44 -4.10 -0.57
CA PHE B 405 -3.65 -4.89 -1.49
C PHE B 405 -2.33 -4.15 -1.81
N HIS B 406 -1.21 -4.88 -1.79
CA HIS B 406 0.10 -4.25 -1.84
C HIS B 406 1.08 -5.28 -2.34
N PRO B 407 2.18 -4.86 -2.97
CA PRO B 407 3.19 -5.80 -3.44
C PRO B 407 4.07 -6.29 -2.30
N LEU B 408 4.59 -7.50 -2.49
CA LEU B 408 5.61 -8.02 -1.55
C LEU B 408 6.98 -7.68 -2.15
N PRO B 409 8.02 -7.52 -1.32
CA PRO B 409 9.33 -7.22 -1.86
C PRO B 409 9.81 -8.29 -2.87
N GLY B 410 10.20 -7.83 -4.05
CA GLY B 410 10.60 -8.75 -5.12
C GLY B 410 9.58 -8.74 -6.24
N PHE B 411 8.46 -8.08 -6.00
CA PHE B 411 7.38 -8.01 -7.02
C PHE B 411 7.86 -7.40 -8.33
N GLU B 412 7.46 -8.01 -9.43
CA GLU B 412 7.76 -7.47 -10.77
C GLU B 412 6.57 -7.80 -11.67
N PRO B 413 6.05 -6.84 -12.44
CA PRO B 413 4.98 -7.14 -13.37
C PRO B 413 5.49 -8.07 -14.47
N HIS B 414 4.60 -8.92 -14.95
CA HIS B 414 4.96 -9.83 -16.04
C HIS B 414 4.67 -9.19 -17.38
N PHE B 415 5.63 -9.32 -18.32
CA PHE B 415 5.49 -8.68 -19.63
C PHE B 415 4.25 -9.13 -20.38
N LEU B 416 3.71 -10.32 -20.06
CA LEU B 416 2.49 -10.74 -20.78
C LEU B 416 1.26 -9.97 -20.35
N TYR B 417 1.29 -9.35 -19.16
CA TYR B 417 0.09 -8.73 -18.61
C TYR B 417 0.52 -7.71 -17.57
N GLU B 418 1.11 -6.61 -18.05
CA GLU B 418 1.78 -5.67 -17.15
C GLU B 418 0.84 -5.03 -16.13
N ASP B 419 -0.42 -4.82 -16.50
CA ASP B 419 -1.39 -4.17 -15.64
C ASP B 419 -2.26 -5.16 -14.84
N ASN B 420 -1.79 -6.38 -14.62
CA ASN B 420 -2.59 -7.33 -13.84
C ASN B 420 -2.83 -6.84 -12.40
N SER B 421 -1.79 -6.32 -11.75
CA SER B 421 -1.95 -5.98 -10.32
C SER B 421 -1.42 -4.60 -9.96
N ALA B 422 -0.38 -4.11 -10.66
CA ALA B 422 0.29 -2.88 -10.22
C ALA B 422 -0.64 -1.66 -10.20
N PRO B 423 -1.64 -1.52 -11.10
CA PRO B 423 -2.61 -0.41 -11.00
C PRO B 423 -3.40 -0.37 -9.69
N PHE B 424 -3.50 -1.49 -8.96
CA PHE B 424 -4.43 -1.59 -7.85
C PHE B 424 -3.75 -1.59 -6.49
N PHE B 425 -2.46 -1.29 -6.44
CA PHE B 425 -1.77 -0.99 -5.19
C PHE B 425 -2.03 0.48 -4.86
N ASP B 426 -3.29 0.78 -4.49
CA ASP B 426 -3.77 2.18 -4.46
C ASP B 426 -4.50 2.52 -3.16
N ASN B 427 -4.42 1.67 -2.11
CA ASN B 427 -5.12 1.87 -0.85
C ASN B 427 -6.63 1.90 -1.00
N ASN B 428 -7.12 1.43 -2.14
CA ASN B 428 -8.56 1.38 -2.39
C ASN B 428 -9.09 -0.02 -2.64
N HIS B 429 -8.27 -1.07 -2.43
CA HIS B 429 -8.69 -2.47 -2.59
C HIS B 429 -8.28 -3.23 -1.34
N LYS B 430 -9.21 -3.97 -0.74
CA LYS B 430 -8.91 -4.88 0.36
C LYS B 430 -8.70 -6.30 -0.12
N MET B 431 -7.93 -7.07 0.64
CA MET B 431 -7.57 -8.43 0.26
C MET B 431 -8.63 -9.42 0.78
N MET B 432 -8.70 -10.60 0.11
CA MET B 432 -9.44 -11.74 0.66
C MET B 432 -8.67 -12.98 0.24
N LEU B 433 -8.69 -14.02 1.08
CA LEU B 433 -7.85 -15.20 0.84
C LEU B 433 -8.62 -16.50 1.11
N GLY B 434 -8.05 -17.62 0.59
CA GLY B 434 -8.41 -18.99 1.00
C GLY B 434 -9.36 -19.73 0.03
N GLY B 435 -9.99 -19.02 -0.89
CA GLY B 435 -10.89 -19.63 -1.87
C GLY B 435 -12.32 -19.84 -1.37
N ALA B 436 -13.21 -19.99 -2.34
CA ALA B 436 -14.61 -20.34 -2.11
C ALA B 436 -14.95 -21.72 -2.70
N TRP B 437 -16.22 -22.14 -2.50
CA TRP B 437 -16.70 -23.41 -3.06
C TRP B 437 -16.49 -23.46 -4.58
N VAL B 438 -16.59 -22.30 -5.26
CA VAL B 438 -16.53 -22.22 -6.73
C VAL B 438 -15.09 -22.10 -7.24
N THR B 439 -14.12 -21.84 -6.36
CA THR B 439 -12.74 -21.58 -6.81
C THR B 439 -12.04 -22.84 -7.29
N GLN B 440 -11.34 -22.70 -8.44
CA GLN B 440 -10.65 -23.82 -9.09
C GLN B 440 -9.22 -23.42 -9.42
N GLY B 441 -8.43 -24.41 -9.85
CA GLY B 441 -7.07 -24.17 -10.35
C GLY B 441 -6.08 -23.73 -9.25
N THR B 442 -5.03 -23.01 -9.69
CA THR B 442 -4.05 -22.64 -8.67
C THR B 442 -4.59 -21.62 -7.68
N GLU B 443 -5.72 -21.00 -7.98
CA GLU B 443 -6.38 -20.09 -7.04
C GLU B 443 -6.91 -20.78 -5.80
N THR B 444 -6.94 -22.13 -5.75
CA THR B 444 -7.27 -22.91 -4.56
C THR B 444 -6.06 -23.13 -3.64
N LEU B 445 -4.85 -22.73 -4.07
CA LEU B 445 -3.62 -23.03 -3.35
C LEU B 445 -3.08 -21.84 -2.58
N LYS B 446 -1.97 -22.09 -1.84
CA LYS B 446 -1.46 -21.17 -0.82
C LYS B 446 -1.08 -19.76 -1.35
N TYR B 447 -0.57 -19.66 -2.58
CA TYR B 447 0.11 -18.43 -3.00
C TYR B 447 -0.80 -17.38 -3.60
N TYR B 448 -1.99 -17.76 -4.08
CA TYR B 448 -2.87 -16.80 -4.73
C TYR B 448 -3.29 -15.70 -3.77
N ARG B 449 -3.14 -14.46 -4.20
CA ARG B 449 -3.50 -13.26 -3.44
C ARG B 449 -4.65 -12.58 -4.17
N ASN B 450 -5.78 -12.43 -3.47
CA ASN B 450 -6.95 -11.89 -4.14
C ASN B 450 -7.29 -10.53 -3.54
N TRP B 451 -8.07 -9.73 -4.28
CA TRP B 451 -8.36 -8.36 -3.84
C TRP B 451 -9.58 -7.79 -4.56
N PHE B 452 -10.30 -6.87 -3.90
CA PHE B 452 -11.49 -6.21 -4.46
C PHE B 452 -11.70 -4.88 -3.79
N ARG B 453 -12.37 -3.98 -4.50
CA ARG B 453 -12.87 -2.76 -3.81
C ARG B 453 -13.81 -3.18 -2.67
N PRO B 454 -13.82 -2.42 -1.58
CA PRO B 454 -14.52 -2.87 -0.36
C PRO B 454 -16.04 -2.90 -0.50
N ASN B 455 -16.61 -2.27 -1.53
CA ASN B 455 -18.05 -2.34 -1.76
C ASN B 455 -18.45 -3.51 -2.63
N PHE B 456 -17.49 -4.23 -3.21
CA PHE B 456 -17.81 -5.25 -4.23
C PHE B 456 -18.29 -6.53 -3.56
N TYR B 457 -19.19 -7.26 -4.25
CA TYR B 457 -19.69 -8.54 -3.78
C TYR B 457 -19.02 -9.68 -4.53
N GLN B 458 -18.56 -10.68 -3.77
CA GLN B 458 -18.00 -11.93 -4.28
C GLN B 458 -18.61 -13.05 -3.42
N HIS B 459 -18.21 -14.28 -3.64
CA HIS B 459 -18.63 -15.41 -2.79
C HIS B 459 -17.73 -15.36 -1.55
N ALA B 460 -18.00 -14.36 -0.70
CA ALA B 460 -17.02 -13.90 0.31
C ALA B 460 -17.70 -13.55 1.62
N GLY B 461 -17.06 -13.95 2.73
CA GLY B 461 -17.51 -13.63 4.09
C GLY B 461 -16.32 -13.21 4.96
N PHE B 462 -16.42 -13.53 6.26
CA PHE B 462 -15.39 -13.07 7.21
C PHE B 462 -15.53 -13.85 8.52
N ARG B 463 -14.46 -13.78 9.32
CA ARG B 463 -14.49 -14.19 10.72
C ARG B 463 -14.00 -13.03 11.59
N ILE B 464 -14.35 -13.06 12.90
CA ILE B 464 -13.92 -11.94 13.75
C ILE B 464 -12.72 -12.34 14.58
N VAL B 465 -11.89 -11.35 14.90
CA VAL B 465 -10.73 -11.64 15.74
C VAL B 465 -10.54 -10.49 16.71
N THR B 466 -9.74 -10.74 17.77
CA THR B 466 -9.31 -9.69 18.69
C THR B 466 -7.81 -9.79 18.91
N ASN B 467 -7.21 -8.64 19.32
CA ASN B 467 -5.77 -8.60 19.60
C ASN B 467 -5.38 -9.55 20.71
N HIS B 468 -6.24 -9.69 21.70
CA HIS B 468 -5.90 -10.35 22.96
C HIS B 468 -7.20 -10.95 23.48
#